data_8SYP
#
_entry.id   8SYP
#
_cell.length_a   1.00
_cell.length_b   1.00
_cell.length_c   1.00
_cell.angle_alpha   90.00
_cell.angle_beta   90.00
_cell.angle_gamma   90.00
#
_symmetry.space_group_name_H-M   'P 1'
#
loop_
_entity.id
_entity.type
_entity.pdbx_description
1 polymer 'Histone H3.1'
2 polymer 'Histone H4'
3 polymer 'Histone H2A type 2-C'
4 polymer 'Histone H2B type 2-E'
5 polymer 'DNA (162-MER)'
6 polymer 'DNA (162-MER)'
7 polymer 'Single-chain variable fragment'
#
loop_
_entity_poly.entity_id
_entity_poly.type
_entity_poly.pdbx_seq_one_letter_code
_entity_poly.pdbx_strand_id
1 'polypeptide(L)'
;MARTKQTARKSTGGKAPRKQLATKAARKSAPATGGVKKPHRYRPGTVALREIRRYQKSTELLIRKLPFQRLVREIAQDFK
TDLRFQSSAVMALQEACEAYLVGLFEDTNLCAIHAKRVTIMPKDIQLARRIRGERA
;
A,E
2 'polypeptide(L)'
;MSGRGKGGKGLGKGGAKRHRKVLRDNIQGITKPAIRRLARRGGVKRISGLIYEETRGVLKVFLENVIRDAVTYTEHAKRK
TVTAMDVVYALKRQGRTLYGFGG
;
B,F
3 'polypeptide(L)'
;MSGRGKQGGKARAKAKSRSSRAGLQFPVGRVHRLLRKGNYAERVGAGAPVYMAAVLEYLTAEILELAGNAARDNKKTRII
PRHLQLAIRNDEELNKLLGKVTIAQGGVLPNIQAVLLPKKTESHKAKSK
;
C,G
4 'polypeptide(L)'
;MPEPAKSAPAPKKGSKKAVTKAQKKDGKKRKRSRKESYSIYVYKVLKQVHPDTGISSKAMGIMNSFVNDIFERIAGEASR
LAHYNKRSTITSREIQTAVRLLLPGELAKHAVSEGTKAVTKYTSSK
;
D,H
5 'polydeoxyribonucleotide'
;(DT)(DA)(DG)(DG)(DT)(DG)(DC)(DA)(DG)(DG)(DG)(DC)(DC)(DT)(DC)(DT)(DC)(DG)(DG)(DC)
(DT)(DG)(DC)(DT)(DG)(DA)(DT)(DC)(DT)(DT)(DC)(DA)(DG)(DC)(DT)(DG)(DG)(DT)(DT)(DG)
(DC)(DT)(DG)(DA)(DG)(DA)(DG)(DT)(DT)(DG)(DC)(DA)(DG)(DC)(DA)(DT)(DT)(DG)(DC)(DT)
(DG)(DA)(DG)(DT)(DC)(DT)(DT)(DA)(DG)(DC)(DA)(DA)(DT)(DG)(DG)(DA)(DT)(DA)(DC)(DT)
(DT)(DC)(DC)(DC)(DG)(DA)(DT)(DT)(DC)(DC)(DC)(DC)(DT)(DC)(DA)(DC)(DA)(DA)(DA)(DA)
(DA)(DT)(DA)(DG)(DG)(DT)(DC)(DA)(DG)(DT)(DC)(DT)(DG)(DT)(DC)(DT)(DG)(DG)(DC)(DT)
(DA)(DG)(DT)(DT)(DC)(DT)(DG)(DT)(DA)(DC)(DT)(DT)(DG)(DC)(DA)(DG)(DA)(DC)(DA)(DC)
(DA)(DG)(DG)(DG)(DC)(DA)(DT)(DG)(DT)(DG)(DG)(DG)(DG)(DT)(DT)(DC)(DC)(DT)(DA)(DT)
(DT)(DT)
;
I
6 'polydeoxyribonucleotide'
;(DA)(DA)(DA)(DT)(DA)(DG)(DG)(DA)(DA)(DC)(DC)(DC)(DC)(DA)(DC)(DA)(DT)(DG)(DC)(DC)
(DC)(DT)(DG)(DT)(DG)(DT)(DC)(DT)(DG)(DC)(DA)(DA)(DG)(DT)(DA)(DC)(DA)(DG)(DA)(DA)
(DC)(DT)(DA)(DG)(DC)(DC)(DA)(DG)(DA)(DC)(DA)(DG)(DA)(DC)(DT)(DG)(DA)(DC)(DC)(DT)
(DA)(DT)(DT)(DT)(DT)(DT)(DG)(DT)(DG)(DA)(DG)(DG)(DG)(DG)(DA)(DA)(DT)(DC)(DG)(DG)
(DG)(DA)(DA)(DG)(DT)(DA)(DT)(DC)(DC)(DA)(DT)(DT)(DG)(DC)(DT)(DA)(DA)(DG)(DA)(DC)
(DT)(DC)(DA)(DG)(DC)(DA)(DA)(DT)(DG)(DC)(DT)(DG)(DC)(DA)(DA)(DC)(DT)(DC)(DT)(DC)
(DA)(DG)(DC)(DA)(DA)(DC)(DC)(DA)(DG)(DC)(DT)(DG)(DA)(DA)(DG)(DA)(DT)(DC)(DA)(DG)
(DC)(DA)(DG)(DC)(DC)(DG)(DA)(DG)(DA)(DG)(DG)(DC)(DC)(DC)(DT)(DG)(DC)(DA)(DC)(DC)
(DT)(DA)
;
J
7 'polypeptide(L)'
;MKSSHHHHHHENLYFQSNAMEVQLQQSGPELVEPGTSVKMPCKASGYTFTSYTIQWVKQTPRQGLEWIGYIYPYNAGTKY
NEKFKGKATLTSDKSSSTVYMELSSLTSEDSAVYYCARKSSRLRSTLDYWGQGTSVTVSSGGGGSGGGGSGGGGSMDIKM
TQSPSSMHASLGERVTITCKASQDIRSYLSWYQQKPWKSPKTLIYYATSLADGVPSRFSGSGSGQDFSLTINNLESDDTA
TYYCLQHGESPYTFGSGTKLEIKRA
;
M,N
#
# COMPACT_ATOMS: atom_id res chain seq x y z
N LYS A 38 42.78 -4.19 -37.29
CA LYS A 38 41.65 -3.42 -36.77
C LYS A 38 41.35 -3.82 -35.34
N PRO A 39 41.21 -2.82 -34.45
CA PRO A 39 40.85 -3.11 -33.06
C PRO A 39 39.44 -3.67 -32.93
N HIS A 40 39.24 -4.49 -31.92
CA HIS A 40 37.95 -5.12 -31.70
C HIS A 40 36.96 -4.12 -31.15
N ARG A 41 35.77 -4.08 -31.74
CA ARG A 41 34.69 -3.18 -31.31
C ARG A 41 33.40 -3.97 -31.27
N TYR A 42 32.77 -4.01 -30.10
CA TYR A 42 31.45 -4.63 -29.99
C TYR A 42 30.39 -3.70 -30.54
N ARG A 43 29.37 -4.29 -31.17
CA ARG A 43 28.20 -3.52 -31.58
C ARG A 43 27.45 -3.03 -30.35
N PRO A 44 26.76 -1.88 -30.43
CA PRO A 44 26.01 -1.38 -29.28
C PRO A 44 24.85 -2.30 -28.92
N GLY A 45 24.76 -2.65 -27.63
CA GLY A 45 23.76 -3.55 -27.11
C GLY A 45 24.31 -4.84 -26.56
N THR A 46 25.41 -5.35 -27.14
CA THR A 46 26.01 -6.59 -26.68
C THR A 46 26.60 -6.43 -25.28
N VAL A 47 27.38 -5.36 -25.09
CA VAL A 47 27.96 -5.06 -23.77
C VAL A 47 26.86 -4.73 -22.78
N ALA A 48 25.80 -4.06 -23.23
CA ALA A 48 24.69 -3.70 -22.34
C ALA A 48 23.96 -4.95 -21.84
N LEU A 49 23.72 -5.92 -22.73
CA LEU A 49 23.12 -7.18 -22.31
C LEU A 49 24.06 -7.96 -21.41
N ARG A 50 25.37 -7.83 -21.63
CA ARG A 50 26.34 -8.46 -20.74
C ARG A 50 26.28 -7.88 -19.32
N GLU A 51 26.16 -6.55 -19.21
CA GLU A 51 26.00 -5.97 -17.87
C GLU A 51 24.66 -6.26 -17.25
N ILE A 52 23.60 -6.41 -18.06
CA ILE A 52 22.30 -6.81 -17.51
C ILE A 52 22.41 -8.21 -16.90
N ARG A 53 23.05 -9.13 -17.63
CA ARG A 53 23.23 -10.49 -17.14
C ARG A 53 24.16 -10.53 -15.93
N ARG A 54 25.19 -9.69 -15.91
CA ARG A 54 26.13 -9.69 -14.79
C ARG A 54 25.51 -9.10 -13.53
N TYR A 55 24.85 -7.95 -13.64
CA TYR A 55 24.32 -7.26 -12.47
C TYR A 55 22.98 -7.81 -12.02
N GLN A 56 22.31 -8.61 -12.84
CA GLN A 56 21.11 -9.32 -12.38
C GLN A 56 21.45 -10.61 -11.65
N LYS A 57 22.72 -10.99 -11.59
CA LYS A 57 23.17 -12.18 -10.91
C LYS A 57 23.78 -11.91 -9.54
N SER A 58 24.51 -10.82 -9.39
CA SER A 58 25.16 -10.49 -8.14
C SER A 58 24.18 -9.88 -7.14
N THR A 59 24.63 -9.75 -5.90
CA THR A 59 23.84 -9.16 -4.83
C THR A 59 24.50 -7.95 -4.19
N GLU A 60 25.60 -7.46 -4.75
CA GLU A 60 26.37 -6.39 -4.14
C GLU A 60 25.63 -5.05 -4.26
N LEU A 61 26.08 -4.08 -3.46
CA LEU A 61 25.57 -2.73 -3.55
C LEU A 61 26.27 -2.01 -4.69
N LEU A 62 25.49 -1.26 -5.49
CA LEU A 62 26.01 -0.65 -6.70
C LEU A 62 26.37 0.82 -6.54
N ILE A 63 25.87 1.49 -5.50
CA ILE A 63 26.25 2.86 -5.19
C ILE A 63 27.40 2.81 -4.19
N ARG A 64 28.40 3.66 -4.41
CA ARG A 64 29.57 3.69 -3.52
C ARG A 64 29.20 4.20 -2.13
N LYS A 65 29.78 3.54 -1.13
CA LYS A 65 29.32 3.64 0.25
C LYS A 65 29.59 5.02 0.84
N LEU A 66 30.79 5.54 0.63
CA LEU A 66 31.11 6.87 1.15
C LEU A 66 30.32 8.01 0.51
N PRO A 67 30.13 8.08 -0.84
CA PRO A 67 29.20 9.10 -1.36
C PRO A 67 27.76 8.93 -0.87
N PHE A 68 27.28 7.70 -0.71
CA PHE A 68 25.94 7.53 -0.18
C PHE A 68 25.86 7.98 1.27
N GLN A 69 26.90 7.72 2.06
CA GLN A 69 26.90 8.11 3.46
C GLN A 69 26.96 9.64 3.60
N ARG A 70 27.75 10.30 2.74
CA ARG A 70 27.80 11.75 2.75
C ARG A 70 26.46 12.36 2.34
N LEU A 71 25.79 11.75 1.35
CA LEU A 71 24.46 12.20 0.95
C LEU A 71 23.45 12.05 2.09
N VAL A 72 23.51 10.92 2.81
CA VAL A 72 22.59 10.67 3.92
C VAL A 72 22.81 11.67 5.04
N ARG A 73 24.08 11.97 5.37
CA ARG A 73 24.36 12.94 6.42
C ARG A 73 23.95 14.36 6.02
N GLU A 74 24.13 14.73 4.75
CA GLU A 74 23.70 16.05 4.31
C GLU A 74 22.18 16.19 4.33
N ILE A 75 21.46 15.13 3.94
CA ILE A 75 20.00 15.16 3.99
C ILE A 75 19.49 15.22 5.43
N ALA A 76 20.09 14.43 6.31
CA ALA A 76 19.66 14.42 7.71
C ALA A 76 20.11 15.67 8.47
N GLN A 77 21.04 16.45 7.92
CA GLN A 77 21.45 17.71 8.54
C GLN A 77 20.30 18.71 8.59
N ASP A 78 19.41 18.69 7.60
CA ASP A 78 18.29 19.63 7.55
C ASP A 78 17.19 19.31 8.55
N PHE A 79 17.21 18.13 9.17
CA PHE A 79 16.21 17.76 10.16
C PHE A 79 16.68 17.90 11.60
N LYS A 80 17.94 17.56 11.86
CA LYS A 80 18.51 17.71 13.20
C LYS A 80 20.02 17.90 13.08
N THR A 81 20.52 18.96 13.69
CA THR A 81 21.95 19.23 13.69
C THR A 81 22.67 18.30 14.65
N ASP A 82 23.94 18.03 14.34
CA ASP A 82 24.85 17.18 15.13
C ASP A 82 24.28 15.78 15.34
N LEU A 83 23.78 15.17 14.26
CA LEU A 83 23.27 13.82 14.33
C LEU A 83 24.40 12.80 14.24
N ARG A 84 24.11 11.59 14.68
CA ARG A 84 25.03 10.47 14.56
C ARG A 84 24.30 9.30 13.90
N PHE A 85 25.06 8.48 13.19
CA PHE A 85 24.51 7.39 12.41
C PHE A 85 25.22 6.10 12.72
N GLN A 86 24.46 5.03 12.97
CA GLN A 86 25.04 3.70 13.00
C GLN A 86 25.41 3.26 11.59
N SER A 87 26.48 2.47 11.49
CA SER A 87 26.90 1.94 10.20
C SER A 87 25.84 1.00 9.64
N SER A 88 25.18 0.23 10.51
CA SER A 88 24.06 -0.60 10.07
C SER A 88 22.88 0.24 9.63
N ALA A 89 22.70 1.44 10.21
CA ALA A 89 21.63 2.32 9.78
C ALA A 89 21.87 2.87 8.38
N VAL A 90 23.11 3.29 8.11
CA VAL A 90 23.45 3.78 6.78
C VAL A 90 23.37 2.65 5.76
N MET A 91 23.77 1.43 6.17
CA MET A 91 23.67 0.28 5.29
C MET A 91 22.22 -0.10 4.98
N ALA A 92 21.34 -0.01 5.98
CA ALA A 92 19.92 -0.30 5.77
C ALA A 92 19.28 0.73 4.84
N LEU A 93 19.65 2.00 5.00
CA LEU A 93 19.22 3.04 4.06
C LEU A 93 19.71 2.75 2.65
N GLN A 94 20.94 2.24 2.54
CA GLN A 94 21.48 1.92 1.22
C GLN A 94 20.74 0.77 0.55
N GLU A 95 20.47 -0.31 1.29
CA GLU A 95 19.72 -1.43 0.71
C GLU A 95 18.32 -1.03 0.29
N ALA A 96 17.67 -0.18 1.10
CA ALA A 96 16.34 0.33 0.75
C ALA A 96 16.38 1.17 -0.52
N CYS A 97 17.41 2.02 -0.67
CA CYS A 97 17.49 2.89 -1.83
C CYS A 97 17.81 2.12 -3.11
N GLU A 98 18.73 1.14 -3.04
CA GLU A 98 19.00 0.30 -4.21
C GLU A 98 17.77 -0.50 -4.62
N ALA A 99 17.04 -1.07 -3.66
CA ALA A 99 15.86 -1.85 -4.00
C ALA A 99 14.76 -0.99 -4.63
N TYR A 100 14.54 0.21 -4.07
CA TYR A 100 13.55 1.12 -4.62
C TYR A 100 13.92 1.56 -6.03
N LEU A 101 15.20 1.89 -6.26
CA LEU A 101 15.59 2.36 -7.58
C LEU A 101 15.57 1.23 -8.62
N VAL A 102 15.91 0.00 -8.21
CA VAL A 102 15.86 -1.12 -9.15
C VAL A 102 14.42 -1.46 -9.53
N GLY A 103 13.50 -1.44 -8.55
CA GLY A 103 12.10 -1.65 -8.87
C GLY A 103 11.51 -0.56 -9.75
N LEU A 104 11.90 0.69 -9.50
CA LEU A 104 11.44 1.79 -10.32
C LEU A 104 12.00 1.70 -11.74
N PHE A 105 13.24 1.22 -11.89
CA PHE A 105 13.79 1.05 -13.22
C PHE A 105 13.15 -0.10 -13.96
N GLU A 106 12.70 -1.13 -13.23
CA GLU A 106 11.91 -2.20 -13.86
C GLU A 106 10.60 -1.67 -14.42
N ASP A 107 9.89 -0.86 -13.62
CA ASP A 107 8.64 -0.28 -14.09
C ASP A 107 8.87 0.73 -15.22
N THR A 108 9.99 1.46 -15.17
CA THR A 108 10.35 2.39 -16.22
C THR A 108 10.65 1.68 -17.54
N ASN A 109 11.34 0.54 -17.46
CA ASN A 109 11.58 -0.27 -18.66
C ASN A 109 10.27 -0.82 -19.23
N LEU A 110 9.33 -1.16 -18.35
CA LEU A 110 8.01 -1.58 -18.81
C LEU A 110 7.29 -0.46 -19.56
N CYS A 111 7.37 0.77 -19.05
CA CYS A 111 6.78 1.92 -19.75
C CYS A 111 7.48 2.17 -21.09
N ALA A 112 8.80 2.00 -21.13
CA ALA A 112 9.55 2.22 -22.36
C ALA A 112 9.20 1.18 -23.42
N ILE A 113 9.01 -0.07 -23.02
CA ILE A 113 8.58 -1.11 -23.95
C ILE A 113 7.16 -0.83 -24.43
N HIS A 114 6.29 -0.34 -23.54
CA HIS A 114 4.93 0.00 -23.93
C HIS A 114 4.90 1.16 -24.92
N ALA A 115 5.83 2.10 -24.81
CA ALA A 115 5.87 3.17 -25.81
C ALA A 115 6.67 2.80 -27.06
N LYS A 116 6.94 1.51 -27.28
CA LYS A 116 7.69 1.00 -28.44
C LYS A 116 9.08 1.62 -28.54
N ARG A 117 9.80 1.61 -27.41
CA ARG A 117 11.17 2.10 -27.34
C ARG A 117 11.98 1.09 -26.55
N VAL A 118 13.30 1.27 -26.55
CA VAL A 118 14.16 0.49 -25.67
C VAL A 118 14.98 1.44 -24.82
N THR A 119 14.83 2.74 -25.07
CA THR A 119 15.52 3.78 -24.32
C THR A 119 14.55 4.34 -23.29
N ILE A 120 14.91 4.25 -22.01
CA ILE A 120 14.06 4.78 -20.95
C ILE A 120 14.24 6.29 -20.88
N MET A 121 13.17 6.98 -20.52
CA MET A 121 13.10 8.44 -20.56
C MET A 121 12.57 8.98 -19.24
N PRO A 122 12.83 10.25 -18.94
CA PRO A 122 12.21 10.88 -17.77
C PRO A 122 10.69 10.86 -17.77
N LYS A 123 10.06 10.90 -18.95
CA LYS A 123 8.62 10.74 -19.02
C LYS A 123 8.20 9.33 -18.62
N ASP A 124 9.04 8.33 -18.92
CA ASP A 124 8.75 6.97 -18.49
C ASP A 124 8.87 6.83 -16.98
N ILE A 125 9.89 7.46 -16.38
CA ILE A 125 10.04 7.46 -14.93
C ILE A 125 8.85 8.17 -14.27
N GLN A 126 8.44 9.30 -14.85
CA GLN A 126 7.33 10.08 -14.32
C GLN A 126 6.01 9.31 -14.42
N LEU A 127 5.79 8.60 -15.53
CA LEU A 127 4.57 7.82 -15.68
C LEU A 127 4.53 6.65 -14.71
N ALA A 128 5.66 5.97 -14.52
CA ALA A 128 5.71 4.87 -13.57
C ALA A 128 5.48 5.35 -12.13
N ARG A 129 6.08 6.48 -11.77
CA ARG A 129 5.91 7.01 -10.43
C ARG A 129 4.52 7.59 -10.21
N ARG A 130 3.88 8.06 -11.28
CA ARG A 130 2.52 8.56 -11.18
C ARG A 130 1.52 7.42 -11.02
N ILE A 131 1.69 6.32 -11.77
CA ILE A 131 0.78 5.19 -11.64
C ILE A 131 0.99 4.50 -10.29
N ARG A 132 2.25 4.44 -9.81
CA ARG A 132 2.54 3.85 -8.51
C ARG A 132 1.94 4.64 -7.35
N GLY A 133 1.62 5.91 -7.55
CA GLY A 133 1.01 6.71 -6.51
C GLY A 133 1.94 7.64 -5.78
N GLU A 134 3.09 7.96 -6.35
CA GLU A 134 4.06 8.83 -5.69
C GLU A 134 4.03 10.26 -6.19
N ARG A 135 3.43 10.51 -7.35
CA ARG A 135 3.28 11.88 -7.85
C ARG A 135 1.83 12.33 -7.73
N LYS B 21 31.29 20.25 10.73
CA LYS B 21 31.46 20.37 9.29
C LYS B 21 30.12 20.30 8.57
N VAL B 22 29.98 21.08 7.51
CA VAL B 22 28.74 21.16 6.74
C VAL B 22 29.02 20.62 5.35
N LEU B 23 28.28 19.58 4.94
CA LEU B 23 28.42 18.99 3.62
C LEU B 23 27.49 19.68 2.64
N ARG B 24 27.93 19.75 1.38
CA ARG B 24 27.18 20.48 0.37
C ARG B 24 27.35 19.79 -0.99
N ASP B 25 26.22 19.54 -1.65
CA ASP B 25 26.13 18.98 -3.02
C ASP B 25 26.81 17.61 -3.05
N ASN B 26 26.13 16.65 -2.42
CA ASN B 26 26.55 15.26 -2.46
C ASN B 26 25.58 14.38 -3.24
N ILE B 27 24.57 14.97 -3.86
CA ILE B 27 23.72 14.22 -4.78
C ILE B 27 24.46 13.91 -6.07
N GLN B 28 25.52 14.65 -6.38
CA GLN B 28 26.38 14.34 -7.52
C GLN B 28 27.37 13.24 -7.20
N GLY B 29 27.47 12.81 -5.93
CA GLY B 29 28.21 11.62 -5.60
C GLY B 29 27.58 10.33 -6.07
N ILE B 30 26.28 10.35 -6.35
CA ILE B 30 25.60 9.24 -7.00
C ILE B 30 25.92 9.37 -8.49
N THR B 31 26.97 8.69 -8.93
CA THR B 31 27.55 8.97 -10.23
C THR B 31 26.71 8.37 -11.35
N LYS B 32 27.05 8.79 -12.58
CA LYS B 32 26.43 8.23 -13.77
C LYS B 32 26.61 6.72 -13.93
N PRO B 33 27.80 6.11 -13.73
CA PRO B 33 27.86 4.64 -13.80
C PRO B 33 27.10 3.94 -12.68
N ALA B 34 26.89 4.57 -11.53
CA ALA B 34 26.10 3.93 -10.47
C ALA B 34 24.64 3.82 -10.87
N ILE B 35 24.08 4.89 -11.44
CA ILE B 35 22.72 4.87 -11.95
C ILE B 35 22.61 3.91 -13.13
N ARG B 36 23.68 3.83 -13.94
CA ARG B 36 23.71 2.86 -15.03
C ARG B 36 23.70 1.42 -14.53
N ARG B 37 24.45 1.14 -13.46
CA ARG B 37 24.46 -0.20 -12.87
C ARG B 37 23.12 -0.57 -12.27
N LEU B 38 22.47 0.39 -11.61
CA LEU B 38 21.12 0.14 -11.08
C LEU B 38 20.12 -0.10 -12.20
N ALA B 39 20.27 0.60 -13.33
CA ALA B 39 19.39 0.38 -14.47
C ALA B 39 19.65 -0.98 -15.11
N ARG B 40 20.91 -1.41 -15.16
CA ARG B 40 21.21 -2.72 -15.72
C ARG B 40 20.72 -3.84 -14.82
N ARG B 41 20.74 -3.63 -13.51
CA ARG B 41 20.08 -4.58 -12.60
C ARG B 41 18.57 -4.56 -12.80
N GLY B 42 18.00 -3.41 -13.13
CA GLY B 42 16.60 -3.34 -13.45
C GLY B 42 16.22 -3.89 -14.81
N GLY B 43 17.19 -4.23 -15.65
CA GLY B 43 16.90 -4.80 -16.95
C GLY B 43 16.87 -3.83 -18.09
N VAL B 44 17.39 -2.62 -17.91
CA VAL B 44 17.28 -1.55 -18.90
C VAL B 44 18.47 -1.66 -19.87
N LYS B 45 18.17 -1.72 -21.17
CA LYS B 45 19.19 -1.81 -22.19
C LYS B 45 19.78 -0.46 -22.57
N ARG B 46 18.93 0.53 -22.85
CA ARG B 46 19.39 1.84 -23.30
C ARG B 46 18.88 2.91 -22.36
N ILE B 47 19.76 3.86 -22.02
CA ILE B 47 19.49 4.89 -21.04
C ILE B 47 19.67 6.25 -21.69
N SER B 48 18.65 7.10 -21.58
CA SER B 48 18.76 8.46 -22.09
C SER B 48 19.65 9.31 -21.21
N GLY B 49 20.12 10.42 -21.76
CA GLY B 49 21.04 11.29 -21.04
C GLY B 49 20.40 12.10 -19.92
N LEU B 50 19.10 12.32 -19.99
CA LEU B 50 18.38 13.08 -18.97
C LEU B 50 17.85 12.19 -17.86
N ILE B 51 18.13 10.88 -17.91
CA ILE B 51 17.65 9.95 -16.89
C ILE B 51 18.32 10.23 -15.55
N TYR B 52 19.60 10.62 -15.57
CA TYR B 52 20.42 10.64 -14.35
C TYR B 52 20.00 11.74 -13.38
N GLU B 53 19.69 12.94 -13.90
CA GLU B 53 19.25 14.02 -13.02
C GLU B 53 17.87 13.72 -12.41
N GLU B 54 16.98 13.15 -13.21
CA GLU B 54 15.67 12.75 -12.72
C GLU B 54 15.78 11.64 -11.67
N THR B 55 16.70 10.70 -11.89
CA THR B 55 16.95 9.63 -10.93
C THR B 55 17.53 10.17 -9.63
N ARG B 56 18.42 11.16 -9.73
CA ARG B 56 18.97 11.81 -8.55
C ARG B 56 17.89 12.53 -7.75
N GLY B 57 16.97 13.22 -8.44
CA GLY B 57 15.86 13.86 -7.76
C GLY B 57 14.93 12.88 -7.08
N VAL B 58 14.64 11.76 -7.75
CA VAL B 58 13.75 10.74 -7.20
C VAL B 58 14.38 10.08 -5.97
N LEU B 59 15.67 9.73 -6.07
CA LEU B 59 16.39 9.13 -4.95
C LEU B 59 16.49 10.09 -3.78
N LYS B 60 16.70 11.38 -4.08
CA LYS B 60 16.73 12.39 -3.03
C LYS B 60 15.40 12.49 -2.31
N VAL B 61 14.28 12.49 -3.06
CA VAL B 61 12.95 12.61 -2.46
C VAL B 61 12.65 11.41 -1.57
N PHE B 62 12.99 10.21 -2.04
CA PHE B 62 12.83 8.99 -1.24
C PHE B 62 13.68 9.04 0.02
N LEU B 63 14.89 9.59 -0.08
CA LEU B 63 15.78 9.65 1.07
C LEU B 63 15.28 10.62 2.14
N GLU B 64 14.78 11.80 1.75
CA GLU B 64 14.21 12.70 2.76
C GLU B 64 12.96 12.10 3.39
N ASN B 65 12.14 11.40 2.60
CA ASN B 65 10.92 10.80 3.15
C ASN B 65 11.24 9.70 4.17
N VAL B 66 12.27 8.90 3.93
CA VAL B 66 12.63 7.88 4.91
C VAL B 66 13.35 8.51 6.12
N ILE B 67 14.27 9.43 5.85
CA ILE B 67 15.16 9.96 6.88
C ILE B 67 14.41 10.86 7.85
N ARG B 68 13.38 11.59 7.39
CA ARG B 68 12.58 12.42 8.28
C ARG B 68 11.86 11.58 9.34
N ASP B 69 11.30 10.44 8.91
CA ASP B 69 10.61 9.56 9.84
C ASP B 69 11.60 8.86 10.78
N ALA B 70 12.77 8.49 10.26
CA ALA B 70 13.80 7.88 11.11
C ALA B 70 14.31 8.85 12.17
N VAL B 71 14.50 10.12 11.80
CA VAL B 71 14.92 11.14 12.74
C VAL B 71 13.81 11.44 13.75
N THR B 72 12.55 11.36 13.32
CA THR B 72 11.43 11.50 14.26
C THR B 72 11.42 10.40 15.31
N TYR B 73 11.67 9.15 14.88
CA TYR B 73 11.79 8.04 15.83
C TYR B 73 12.97 8.23 16.78
N THR B 74 14.11 8.69 16.25
CA THR B 74 15.30 8.92 17.07
C THR B 74 15.07 10.02 18.10
N GLU B 75 14.43 11.12 17.70
CA GLU B 75 14.11 12.21 18.61
C GLU B 75 13.08 11.82 19.65
N HIS B 76 12.10 10.96 19.29
CA HIS B 76 11.17 10.49 20.30
C HIS B 76 11.86 9.57 21.30
N ALA B 77 12.88 8.84 20.86
CA ALA B 77 13.63 8.03 21.81
C ALA B 77 14.61 8.82 22.67
N LYS B 78 14.68 10.15 22.47
CA LYS B 78 15.60 11.06 23.17
C LYS B 78 17.06 10.64 22.99
N ARG B 79 17.43 10.42 21.74
CA ARG B 79 18.78 10.02 21.35
C ARG B 79 19.30 10.96 20.27
N LYS B 80 20.61 10.97 20.12
CA LYS B 80 21.26 11.71 19.04
C LYS B 80 21.82 10.80 17.96
N THR B 81 21.74 9.48 18.14
CA THR B 81 22.26 8.52 17.18
C THR B 81 21.11 7.82 16.49
N VAL B 82 21.06 7.93 15.17
CA VAL B 82 20.05 7.24 14.37
C VAL B 82 20.46 5.77 14.26
N THR B 83 19.55 4.88 14.61
CA THR B 83 19.85 3.46 14.63
C THR B 83 19.22 2.76 13.44
N ALA B 84 19.74 1.55 13.18
CA ALA B 84 19.20 0.71 12.12
C ALA B 84 17.78 0.31 12.41
N MET B 85 17.41 0.21 13.69
CA MET B 85 16.07 -0.22 14.02
C MET B 85 15.10 0.93 13.75
N ASP B 86 15.57 2.17 13.95
CA ASP B 86 14.82 3.37 13.56
C ASP B 86 14.62 3.44 12.05
N VAL B 87 15.67 3.12 11.29
CA VAL B 87 15.54 3.10 9.83
C VAL B 87 14.55 2.04 9.39
N VAL B 88 14.55 0.89 10.08
CA VAL B 88 13.62 -0.20 9.79
C VAL B 88 12.18 0.23 10.07
N TYR B 89 11.95 0.93 11.18
CA TYR B 89 10.62 1.46 11.49
C TYR B 89 10.16 2.50 10.47
N ALA B 90 11.07 3.40 10.07
CA ALA B 90 10.73 4.42 9.08
C ALA B 90 10.40 3.80 7.72
N LEU B 91 11.07 2.71 7.39
CA LEU B 91 10.76 2.00 6.15
C LEU B 91 9.46 1.23 6.28
N LYS B 92 9.19 0.66 7.46
CA LYS B 92 8.02 -0.20 7.63
C LYS B 92 6.74 0.61 7.64
N ARG B 93 6.78 1.83 8.19
CA ARG B 93 5.56 2.62 8.19
C ARG B 93 5.29 3.32 6.85
N GLN B 94 6.20 3.22 5.89
CA GLN B 94 5.95 3.64 4.52
C GLN B 94 5.68 2.47 3.60
N GLY B 95 5.42 1.29 4.13
CA GLY B 95 5.16 0.10 3.34
C GLY B 95 6.36 -0.41 2.56
N ARG B 96 7.55 -0.32 3.15
CA ARG B 96 8.80 -0.74 2.50
C ARG B 96 9.61 -1.60 3.46
N THR B 97 8.96 -2.64 3.99
CA THR B 97 9.52 -3.52 5.00
C THR B 97 10.84 -4.14 4.57
N LEU B 98 11.84 -4.05 5.44
CA LEU B 98 13.20 -4.47 5.14
C LEU B 98 13.62 -5.57 6.10
N TYR B 99 14.06 -6.70 5.57
CA TYR B 99 14.49 -7.85 6.36
C TYR B 99 16.01 -7.86 6.41
N GLY B 100 16.57 -8.08 7.60
CA GLY B 100 18.00 -8.30 7.69
C GLY B 100 18.73 -7.37 8.64
N PHE B 101 18.03 -6.39 9.18
CA PHE B 101 18.64 -5.42 10.09
C PHE B 101 17.91 -5.37 11.43
N GLY B 102 17.06 -6.35 11.70
CA GLY B 102 16.32 -6.41 12.94
C GLY B 102 14.83 -6.30 12.72
N ALA C 13 -18.72 17.92 44.76
CA ALA C 13 -18.55 19.12 43.95
C ALA C 13 -19.30 18.99 42.63
N LYS C 14 -19.47 20.11 41.93
CA LYS C 14 -20.14 20.12 40.64
C LYS C 14 -19.24 19.50 39.58
N ALA C 15 -19.82 18.61 38.78
CA ALA C 15 -19.04 17.91 37.77
C ALA C 15 -18.75 18.82 36.58
N LYS C 16 -17.50 18.79 36.11
CA LYS C 16 -17.07 19.55 34.95
C LYS C 16 -16.47 18.59 33.94
N SER C 17 -16.86 18.72 32.68
CA SER C 17 -16.32 17.86 31.64
C SER C 17 -14.88 18.23 31.34
N ARG C 18 -14.07 17.21 31.00
CA ARG C 18 -12.69 17.46 30.62
C ARG C 18 -12.60 18.18 29.28
N SER C 19 -13.62 18.03 28.43
CA SER C 19 -13.70 18.81 27.20
C SER C 19 -13.85 20.30 27.51
N SER C 20 -14.66 20.64 28.51
CA SER C 20 -14.78 22.04 28.90
C SER C 20 -13.53 22.51 29.63
N ARG C 21 -12.85 21.59 30.34
CA ARG C 21 -11.59 21.94 30.99
C ARG C 21 -10.50 22.25 29.96
N ALA C 22 -10.48 21.51 28.86
CA ALA C 22 -9.51 21.72 27.79
C ALA C 22 -9.97 22.72 26.76
N GLY C 23 -11.21 23.21 26.86
CA GLY C 23 -11.75 24.12 25.86
C GLY C 23 -11.99 23.47 24.51
N LEU C 24 -12.50 22.24 24.51
CA LEU C 24 -12.73 21.49 23.29
C LEU C 24 -14.22 21.21 23.12
N GLN C 25 -14.59 20.74 21.93
CA GLN C 25 -15.93 20.24 21.69
C GLN C 25 -15.97 18.72 21.62
N PHE C 26 -14.86 18.06 21.32
CA PHE C 26 -14.73 16.62 21.24
C PHE C 26 -14.61 16.00 22.64
N PRO C 27 -15.14 14.77 22.84
CA PRO C 27 -15.20 14.20 24.20
C PRO C 27 -13.89 13.61 24.65
N VAL C 28 -13.25 14.28 25.61
CA VAL C 28 -11.99 13.78 26.18
C VAL C 28 -12.24 12.49 26.95
N GLY C 29 -13.37 12.39 27.65
CA GLY C 29 -13.69 11.17 28.38
C GLY C 29 -13.96 9.98 27.48
N ARG C 30 -14.66 10.20 26.37
CA ARG C 30 -14.92 9.11 25.44
C ARG C 30 -13.64 8.70 24.70
N VAL C 31 -12.77 9.68 24.40
CA VAL C 31 -11.48 9.35 23.78
C VAL C 31 -10.61 8.56 24.75
N HIS C 32 -10.68 8.89 26.04
CA HIS C 32 -9.98 8.12 27.08
C HIS C 32 -10.53 6.69 27.17
N ARG C 33 -11.85 6.54 27.12
CA ARG C 33 -12.44 5.22 27.22
C ARG C 33 -12.12 4.37 25.99
N LEU C 34 -12.08 4.99 24.81
CA LEU C 34 -11.70 4.25 23.61
C LEU C 34 -10.21 3.94 23.57
N LEU C 35 -9.39 4.77 24.22
CA LEU C 35 -7.98 4.46 24.32
C LEU C 35 -7.72 3.32 25.30
N ARG C 36 -8.48 3.27 26.39
CA ARG C 36 -8.32 2.19 27.34
C ARG C 36 -8.87 0.87 26.81
N LYS C 37 -10.07 0.90 26.21
CA LYS C 37 -10.70 -0.31 25.71
C LYS C 37 -10.17 -0.76 24.37
N GLY C 38 -9.38 0.07 23.69
CA GLY C 38 -8.93 -0.23 22.35
C GLY C 38 -7.72 -1.12 22.25
N ASN C 39 -7.15 -1.54 23.39
CA ASN C 39 -5.99 -2.44 23.47
C ASN C 39 -4.78 -1.84 22.75
N TYR C 40 -4.40 -0.63 23.17
CA TYR C 40 -3.25 0.05 22.64
C TYR C 40 -2.06 0.02 23.60
N ALA C 41 -2.29 0.24 24.89
CA ALA C 41 -1.23 0.18 25.88
C ALA C 41 -1.83 -0.30 27.19
N GLU C 42 -0.94 -0.68 28.10
CA GLU C 42 -1.37 -1.05 29.45
C GLU C 42 -1.94 0.15 30.19
N ARG C 43 -1.30 1.30 30.10
CA ARG C 43 -1.76 2.51 30.75
C ARG C 43 -1.94 3.62 29.72
N VAL C 44 -2.75 4.61 30.09
CA VAL C 44 -3.00 5.80 29.28
C VAL C 44 -2.77 7.02 30.16
N GLY C 45 -1.94 7.95 29.69
CA GLY C 45 -1.68 9.17 30.44
C GLY C 45 -2.88 10.10 30.45
N ALA C 46 -2.79 11.12 31.31
CA ALA C 46 -3.90 12.04 31.47
C ALA C 46 -4.03 13.01 30.29
N GLY C 47 -2.91 13.48 29.76
CA GLY C 47 -2.93 14.43 28.68
C GLY C 47 -3.08 13.86 27.29
N ALA C 48 -2.92 12.54 27.15
CA ALA C 48 -3.10 11.90 25.85
C ALA C 48 -4.52 11.99 25.28
N PRO C 49 -5.61 11.77 26.05
CA PRO C 49 -6.93 12.00 25.43
C PRO C 49 -7.22 13.45 25.11
N VAL C 50 -6.64 14.38 25.88
CA VAL C 50 -6.77 15.81 25.58
C VAL C 50 -6.10 16.13 24.25
N TYR C 51 -4.88 15.61 24.06
CA TYR C 51 -4.14 15.84 22.82
C TYR C 51 -4.85 15.20 21.63
N MET C 52 -5.36 13.99 21.80
CA MET C 52 -6.04 13.31 20.70
C MET C 52 -7.34 13.99 20.33
N ALA C 53 -8.10 14.44 21.34
CA ALA C 53 -9.35 15.14 21.07
C ALA C 53 -9.09 16.48 20.39
N ALA C 54 -8.01 17.17 20.76
CA ALA C 54 -7.66 18.42 20.10
C ALA C 54 -7.25 18.20 18.64
N VAL C 55 -6.48 17.14 18.37
CA VAL C 55 -6.03 16.87 17.01
C VAL C 55 -7.22 16.47 16.12
N LEU C 56 -8.09 15.61 16.66
CA LEU C 56 -9.30 15.21 15.93
C LEU C 56 -10.22 16.40 15.69
N GLU C 57 -10.33 17.31 16.68
CA GLU C 57 -11.17 18.49 16.52
C GLU C 57 -10.61 19.44 15.47
N TYR C 58 -9.28 19.60 15.43
CA TYR C 58 -8.68 20.44 14.40
C TYR C 58 -8.90 19.86 13.00
N LEU C 59 -8.78 18.53 12.87
CA LEU C 59 -8.95 17.90 11.56
C LEU C 59 -10.40 17.99 11.07
N THR C 60 -11.37 17.73 11.98
CA THR C 60 -12.76 17.86 11.57
C THR C 60 -13.14 19.31 11.29
N ALA C 61 -12.53 20.28 12.00
CA ALA C 61 -12.82 21.67 11.73
C ALA C 61 -12.28 22.11 10.38
N GLU C 62 -11.08 21.64 10.02
CA GLU C 62 -10.49 22.03 8.75
C GLU C 62 -11.27 21.44 7.57
N ILE C 63 -11.61 20.15 7.66
CA ILE C 63 -12.34 19.51 6.57
C ILE C 63 -13.76 20.07 6.46
N LEU C 64 -14.40 20.35 7.60
CA LEU C 64 -15.75 20.92 7.58
C LEU C 64 -15.75 22.34 7.03
N GLU C 65 -14.73 23.13 7.35
CA GLU C 65 -14.68 24.50 6.82
C GLU C 65 -14.42 24.51 5.33
N LEU C 66 -13.53 23.63 4.84
CA LEU C 66 -13.30 23.57 3.39
C LEU C 66 -14.52 23.05 2.64
N ALA C 67 -15.22 22.08 3.22
CA ALA C 67 -16.44 21.57 2.60
C ALA C 67 -17.56 22.59 2.62
N GLY C 68 -17.64 23.39 3.70
CA GLY C 68 -18.61 24.46 3.74
C GLY C 68 -18.33 25.55 2.73
N ASN C 69 -17.04 25.85 2.50
CA ASN C 69 -16.68 26.80 1.45
C ASN C 69 -17.02 26.27 0.07
N ALA C 70 -16.79 24.98 -0.15
CA ALA C 70 -17.16 24.38 -1.43
C ALA C 70 -18.68 24.39 -1.64
N ALA C 71 -19.44 24.15 -0.57
CA ALA C 71 -20.89 24.20 -0.66
C ALA C 71 -21.40 25.61 -0.88
N ARG C 72 -20.70 26.60 -0.30
CA ARG C 72 -21.05 28.00 -0.55
C ARG C 72 -20.76 28.38 -1.99
N ASP C 73 -19.66 27.88 -2.56
CA ASP C 73 -19.35 28.18 -3.96
C ASP C 73 -20.28 27.42 -4.90
N ASN C 74 -20.88 26.33 -4.42
CA ASN C 74 -21.84 25.59 -5.23
C ASN C 74 -23.27 26.10 -4.96
N LYS C 75 -23.37 27.22 -4.20
CA LYS C 75 -24.62 27.90 -3.85
C LYS C 75 -25.59 26.98 -3.11
N LYS C 76 -25.06 26.18 -2.18
CA LYS C 76 -25.86 25.29 -1.36
C LYS C 76 -25.58 25.55 0.12
N THR C 77 -26.57 25.26 0.96
CA THR C 77 -26.45 25.44 2.40
C THR C 77 -26.26 24.13 3.15
N ARG C 78 -26.03 23.02 2.44
CA ARG C 78 -25.84 21.73 3.07
C ARG C 78 -24.59 21.08 2.50
N ILE C 79 -23.82 20.44 3.36
CA ILE C 79 -22.61 19.74 2.95
C ILE C 79 -22.98 18.31 2.59
N ILE C 80 -22.62 17.90 1.38
CA ILE C 80 -22.89 16.55 0.89
C ILE C 80 -21.55 15.86 0.70
N PRO C 81 -21.50 14.54 0.49
CA PRO C 81 -20.21 13.89 0.20
C PRO C 81 -19.52 14.38 -1.06
N ARG C 82 -20.25 14.96 -2.03
CA ARG C 82 -19.59 15.63 -3.14
C ARG C 82 -18.78 16.83 -2.67
N HIS C 83 -19.34 17.63 -1.76
CA HIS C 83 -18.61 18.76 -1.20
C HIS C 83 -17.41 18.30 -0.38
N LEU C 84 -17.58 17.22 0.38
CA LEU C 84 -16.45 16.66 1.12
C LEU C 84 -15.36 16.15 0.19
N GLN C 85 -15.74 15.47 -0.90
CA GLN C 85 -14.76 14.95 -1.85
C GLN C 85 -14.02 16.09 -2.54
N LEU C 86 -14.72 17.16 -2.91
CA LEU C 86 -14.08 18.33 -3.51
C LEU C 86 -13.09 18.97 -2.53
N ALA C 87 -13.48 19.10 -1.27
CA ALA C 87 -12.63 19.73 -0.26
C ALA C 87 -11.37 18.92 0.00
N ILE C 88 -11.48 17.60 0.06
CA ILE C 88 -10.30 16.77 0.33
C ILE C 88 -9.41 16.67 -0.91
N ARG C 89 -10.00 16.45 -2.09
CA ARG C 89 -9.17 16.24 -3.27
C ARG C 89 -8.59 17.52 -3.85
N ASN C 90 -9.08 18.69 -3.43
CA ASN C 90 -8.48 19.93 -3.89
C ASN C 90 -7.31 20.40 -3.03
N ASP C 91 -6.90 19.61 -2.05
CA ASP C 91 -5.85 19.98 -1.11
C ASP C 91 -4.76 18.92 -1.12
N GLU C 92 -3.49 19.37 -1.27
CA GLU C 92 -2.34 18.47 -1.28
C GLU C 92 -2.21 17.66 0.00
N GLU C 93 -2.27 18.32 1.16
CA GLU C 93 -2.01 17.62 2.41
C GLU C 93 -3.16 16.71 2.79
N LEU C 94 -4.40 17.14 2.54
CA LEU C 94 -5.55 16.28 2.81
C LEU C 94 -5.61 15.11 1.84
N ASN C 95 -5.18 15.31 0.59
CA ASN C 95 -5.15 14.21 -0.37
C ASN C 95 -4.01 13.24 -0.07
N LYS C 96 -2.92 13.74 0.51
CA LYS C 96 -1.87 12.83 0.96
C LYS C 96 -2.31 12.04 2.18
N LEU C 97 -3.08 12.67 3.07
CA LEU C 97 -3.57 11.99 4.24
C LEU C 97 -4.63 10.94 3.89
N LEU C 98 -5.48 11.23 2.92
CA LEU C 98 -6.60 10.38 2.57
C LEU C 98 -6.51 9.90 1.13
N GLY C 99 -5.32 9.43 0.73
CA GLY C 99 -5.14 8.99 -0.64
C GLY C 99 -5.77 7.65 -0.94
N LYS C 100 -5.73 6.73 0.03
CA LYS C 100 -6.28 5.39 -0.14
C LYS C 100 -7.69 5.27 0.43
N VAL C 101 -8.46 6.35 0.36
CA VAL C 101 -9.78 6.41 0.97
C VAL C 101 -10.80 6.72 -0.12
N THR C 102 -11.84 5.91 -0.20
CA THR C 102 -12.97 6.15 -1.09
C THR C 102 -14.10 6.80 -0.30
N ILE C 103 -14.57 7.94 -0.80
CA ILE C 103 -15.72 8.63 -0.24
C ILE C 103 -16.93 8.25 -1.09
N ALA C 104 -17.92 7.61 -0.45
CA ALA C 104 -19.10 7.17 -1.16
C ALA C 104 -19.95 8.36 -1.58
N GLN C 105 -20.47 8.30 -2.81
CA GLN C 105 -21.15 9.42 -3.48
C GLN C 105 -20.29 10.67 -3.54
N GLY C 106 -19.00 10.50 -3.76
CA GLY C 106 -18.09 11.64 -3.83
C GLY C 106 -17.79 12.07 -5.24
N GLY C 107 -17.77 11.13 -6.17
CA GLY C 107 -17.44 11.47 -7.53
C GLY C 107 -15.94 11.68 -7.70
N VAL C 108 -15.59 12.35 -8.78
CA VAL C 108 -14.21 12.69 -9.09
C VAL C 108 -14.14 14.17 -9.45
N LEU C 109 -12.92 14.64 -9.67
CA LEU C 109 -12.71 16.04 -10.01
C LEU C 109 -13.12 16.31 -11.46
N PRO C 110 -13.61 17.51 -11.79
CA PRO C 110 -14.06 17.79 -13.16
C PRO C 110 -12.94 17.93 -14.20
N ASN C 111 -11.67 17.85 -13.76
CA ASN C 111 -10.43 17.88 -14.54
C ASN C 111 -10.35 19.05 -15.52
N ILE C 112 -10.89 20.20 -15.11
CA ILE C 112 -10.84 21.41 -15.90
C ILE C 112 -9.40 21.91 -16.01
N GLN C 113 -8.96 22.16 -17.24
CA GLN C 113 -7.60 22.62 -17.50
C GLN C 113 -7.59 24.07 -17.95
N ARG D 32 -30.84 -0.57 18.02
CA ARG D 32 -31.40 0.00 19.23
C ARG D 32 -30.57 -0.34 20.46
N SER D 33 -29.25 -0.25 20.35
CA SER D 33 -28.36 -0.56 21.45
C SER D 33 -27.22 0.45 21.56
N ARG D 34 -27.57 1.75 21.47
CA ARG D 34 -26.67 2.88 21.75
C ARG D 34 -25.46 2.88 20.82
N LYS D 35 -25.75 3.23 19.56
CA LYS D 35 -24.79 3.13 18.46
C LYS D 35 -23.52 3.96 18.68
N GLU D 36 -23.64 5.13 19.34
CA GLU D 36 -22.53 5.93 19.85
C GLU D 36 -21.61 6.41 18.71
N SER D 37 -22.11 7.41 18.00
CA SER D 37 -21.35 8.05 16.93
C SER D 37 -20.67 9.33 17.43
N TYR D 38 -20.02 10.05 16.52
CA TYR D 38 -19.42 11.35 16.80
C TYR D 38 -20.27 12.51 16.27
N SER D 39 -21.54 12.24 15.96
CA SER D 39 -22.34 13.14 15.12
C SER D 39 -22.62 14.46 15.83
N ILE D 40 -22.90 14.42 17.14
CA ILE D 40 -23.20 15.67 17.84
C ILE D 40 -21.96 16.54 17.99
N TYR D 41 -20.78 15.95 18.12
CA TYR D 41 -19.55 16.73 18.24
C TYR D 41 -19.15 17.34 16.91
N VAL D 42 -19.32 16.56 15.83
CA VAL D 42 -19.12 17.09 14.49
C VAL D 42 -20.11 18.22 14.21
N TYR D 43 -21.34 18.12 14.73
CA TYR D 43 -22.29 19.24 14.65
C TYR D 43 -21.85 20.49 15.40
N LYS D 44 -21.34 20.36 16.63
CA LYS D 44 -20.89 21.56 17.34
C LYS D 44 -19.71 22.21 16.64
N VAL D 45 -18.79 21.40 16.10
CA VAL D 45 -17.66 21.93 15.35
C VAL D 45 -18.13 22.62 14.06
N LEU D 46 -19.09 22.01 13.35
CA LEU D 46 -19.64 22.60 12.13
C LEU D 46 -20.37 23.90 12.43
N LYS D 47 -21.16 23.94 13.50
CA LYS D 47 -21.87 25.15 13.84
C LYS D 47 -20.95 26.24 14.37
N GLN D 48 -19.75 25.89 14.82
CA GLN D 48 -18.80 26.93 15.22
C GLN D 48 -17.89 27.40 14.09
N VAL D 49 -17.72 26.64 13.02
CA VAL D 49 -16.91 27.16 11.89
C VAL D 49 -17.80 27.64 10.74
N HIS D 50 -19.07 27.27 10.71
CA HIS D 50 -20.02 27.69 9.68
C HIS D 50 -21.39 27.76 10.32
N PRO D 51 -21.78 28.91 10.87
CA PRO D 51 -23.00 28.97 11.69
C PRO D 51 -24.30 28.79 10.92
N ASP D 52 -24.29 28.90 9.59
CA ASP D 52 -25.53 28.82 8.84
C ASP D 52 -25.66 27.57 7.99
N THR D 53 -24.56 26.93 7.61
CA THR D 53 -24.64 25.74 6.76
C THR D 53 -25.02 24.51 7.59
N GLY D 54 -25.69 23.57 6.92
CA GLY D 54 -26.04 22.30 7.52
C GLY D 54 -25.23 21.17 6.94
N ILE D 55 -25.65 19.94 7.24
CA ILE D 55 -24.95 18.76 6.77
C ILE D 55 -25.96 17.63 6.62
N SER D 56 -25.75 16.79 5.62
CA SER D 56 -26.63 15.65 5.38
C SER D 56 -26.18 14.45 6.20
N SER D 57 -27.07 13.45 6.29
CA SER D 57 -26.78 12.26 7.07
C SER D 57 -25.69 11.42 6.42
N LYS D 58 -25.65 11.40 5.09
CA LYS D 58 -24.58 10.73 4.36
C LYS D 58 -23.23 11.35 4.68
N ALA D 59 -23.16 12.68 4.67
CA ALA D 59 -21.91 13.38 4.97
C ALA D 59 -21.52 13.22 6.43
N MET D 60 -22.50 13.13 7.34
CA MET D 60 -22.21 12.79 8.72
C MET D 60 -21.63 11.39 8.86
N GLY D 61 -22.14 10.44 8.07
CA GLY D 61 -21.56 9.09 8.09
C GLY D 61 -20.14 9.06 7.56
N ILE D 62 -19.88 9.83 6.50
CA ILE D 62 -18.52 9.99 5.97
C ILE D 62 -17.60 10.56 7.04
N MET D 63 -18.08 11.57 7.76
CA MET D 63 -17.19 12.30 8.65
C MET D 63 -16.98 11.51 9.95
N ASN D 64 -17.99 10.72 10.35
CA ASN D 64 -17.81 9.76 11.44
C ASN D 64 -16.76 8.72 11.10
N SER D 65 -16.81 8.20 9.85
CA SER D 65 -15.79 7.24 9.42
C SER D 65 -14.41 7.88 9.38
N PHE D 66 -14.35 9.17 9.01
CA PHE D 66 -13.07 9.88 8.99
C PHE D 66 -12.48 10.02 10.39
N VAL D 67 -13.31 10.42 11.36
CA VAL D 67 -12.84 10.60 12.74
C VAL D 67 -12.40 9.27 13.33
N ASN D 68 -13.15 8.20 13.06
CA ASN D 68 -12.77 6.87 13.53
C ASN D 68 -11.46 6.40 12.90
N ASP D 69 -11.28 6.63 11.61
CA ASP D 69 -10.08 6.17 10.90
C ASP D 69 -8.85 6.89 11.42
N ILE D 70 -8.96 8.21 11.64
CA ILE D 70 -7.82 8.97 12.14
C ILE D 70 -7.52 8.58 13.59
N PHE D 71 -8.55 8.24 14.37
CA PHE D 71 -8.35 7.75 15.73
C PHE D 71 -7.54 6.45 15.74
N GLU D 72 -7.91 5.49 14.90
CA GLU D 72 -7.15 4.22 14.86
C GLU D 72 -5.74 4.43 14.35
N ARG D 73 -5.54 5.34 13.38
CA ARG D 73 -4.20 5.61 12.86
C ARG D 73 -3.29 6.21 13.93
N ILE D 74 -3.76 7.26 14.61
CA ILE D 74 -2.94 7.94 15.62
C ILE D 74 -2.71 7.04 16.83
N ALA D 75 -3.75 6.31 17.26
CA ALA D 75 -3.60 5.44 18.42
C ALA D 75 -2.69 4.25 18.11
N GLY D 76 -2.76 3.71 16.90
CA GLY D 76 -1.87 2.62 16.53
C GLY D 76 -0.42 3.05 16.44
N GLU D 77 -0.17 4.25 15.88
CA GLU D 77 1.19 4.76 15.83
C GLU D 77 1.74 5.06 17.22
N ALA D 78 0.91 5.61 18.12
CA ALA D 78 1.35 5.88 19.48
C ALA D 78 1.60 4.59 20.26
N SER D 79 0.75 3.58 20.05
CA SER D 79 0.95 2.28 20.69
C SER D 79 2.23 1.62 20.20
N ARG D 80 2.52 1.73 18.90
CA ARG D 80 3.76 1.19 18.36
C ARG D 80 4.97 1.92 18.89
N LEU D 81 4.89 3.25 19.04
CA LEU D 81 5.99 4.02 19.62
C LEU D 81 6.26 3.63 21.07
N ALA D 82 5.19 3.45 21.85
CA ALA D 82 5.34 3.04 23.24
C ALA D 82 5.89 1.62 23.34
N HIS D 83 5.53 0.75 22.40
CA HIS D 83 6.10 -0.60 22.40
C HIS D 83 7.57 -0.58 21.98
N TYR D 84 7.94 0.33 21.08
CA TYR D 84 9.33 0.39 20.62
C TYR D 84 10.23 0.94 21.72
N ASN D 85 9.74 1.89 22.49
CA ASN D 85 10.56 2.52 23.53
C ASN D 85 10.46 1.82 24.88
N LYS D 86 9.82 0.63 24.92
CA LYS D 86 9.65 -0.18 26.13
C LYS D 86 8.94 0.57 27.24
N ARG D 87 7.94 1.37 26.87
CA ARG D 87 7.05 2.03 27.81
C ARG D 87 5.76 1.24 27.91
N SER D 88 5.02 1.48 28.99
CA SER D 88 3.72 0.84 29.17
C SER D 88 2.57 1.84 29.14
N THR D 89 2.84 3.13 29.04
CA THR D 89 1.82 4.15 29.01
C THR D 89 1.91 4.97 27.73
N ILE D 90 0.77 5.38 27.21
CA ILE D 90 0.69 6.29 26.08
C ILE D 90 0.46 7.69 26.62
N THR D 91 1.36 8.61 26.30
CA THR D 91 1.31 9.95 26.80
C THR D 91 1.18 10.94 25.64
N SER D 92 1.12 12.22 26.00
CA SER D 92 0.98 13.28 25.00
C SER D 92 2.22 13.38 24.13
N ARG D 93 3.39 12.96 24.65
CA ARG D 93 4.59 12.86 23.81
C ARG D 93 4.41 11.83 22.71
N GLU D 94 3.85 10.66 23.05
CA GLU D 94 3.58 9.64 22.04
C GLU D 94 2.53 10.10 21.04
N ILE D 95 1.50 10.80 21.52
CA ILE D 95 0.46 11.30 20.62
C ILE D 95 1.03 12.37 19.68
N GLN D 96 1.89 13.25 20.20
CA GLN D 96 2.51 14.28 19.38
C GLN D 96 3.43 13.69 18.33
N THR D 97 4.21 12.67 18.70
CA THR D 97 5.08 12.02 17.73
C THR D 97 4.29 11.25 16.68
N ALA D 98 3.17 10.64 17.08
CA ALA D 98 2.30 9.96 16.13
C ALA D 98 1.68 10.96 15.14
N VAL D 99 1.29 12.13 15.64
CA VAL D 99 0.74 13.19 14.79
C VAL D 99 1.79 13.69 13.81
N ARG D 100 3.03 13.87 14.29
CA ARG D 100 4.12 14.31 13.42
C ARG D 100 4.48 13.27 12.38
N LEU D 101 4.33 11.98 12.72
CA LEU D 101 4.61 10.93 11.75
C LEU D 101 3.50 10.80 10.72
N LEU D 102 2.24 10.97 11.11
CA LEU D 102 1.14 10.65 10.21
C LEU D 102 0.63 11.84 9.42
N LEU D 103 0.62 13.05 9.99
CA LEU D 103 0.02 14.10 9.20
C LEU D 103 1.05 14.82 8.35
N PRO D 104 0.72 15.08 7.08
CA PRO D 104 1.71 15.68 6.17
C PRO D 104 1.72 17.21 6.23
N GLY D 105 2.93 17.76 6.26
CA GLY D 105 3.10 19.18 6.02
C GLY D 105 2.68 20.05 7.19
N GLU D 106 1.98 21.13 6.88
CA GLU D 106 1.54 22.09 7.89
C GLU D 106 0.37 21.56 8.71
N LEU D 107 -0.26 20.47 8.28
CA LEU D 107 -1.30 19.82 9.07
C LEU D 107 -0.72 19.33 10.40
N ALA D 108 0.48 18.75 10.34
CA ALA D 108 1.16 18.28 11.55
C ALA D 108 1.51 19.44 12.48
N LYS D 109 1.97 20.55 11.92
CA LYS D 109 2.36 21.70 12.73
C LYS D 109 1.16 22.32 13.42
N HIS D 110 0.04 22.45 12.70
CA HIS D 110 -1.14 23.06 13.29
C HIS D 110 -1.81 22.12 14.29
N ALA D 111 -1.77 20.81 14.02
CA ALA D 111 -2.35 19.86 14.97
C ALA D 111 -1.49 19.76 16.23
N VAL D 112 -0.17 19.87 16.10
CA VAL D 112 0.71 19.89 17.27
C VAL D 112 0.45 21.14 18.10
N SER D 113 0.24 22.29 17.44
CA SER D 113 -0.10 23.52 18.15
C SER D 113 -1.44 23.39 18.88
N GLU D 114 -2.45 22.80 18.22
CA GLU D 114 -3.75 22.62 18.84
C GLU D 114 -3.69 21.67 20.04
N GLY D 115 -2.97 20.56 19.91
CA GLY D 115 -2.84 19.62 21.00
C GLY D 115 -2.06 20.18 22.18
N THR D 116 -0.99 20.91 21.90
CA THR D 116 -0.20 21.53 22.96
C THR D 116 -1.02 22.60 23.68
N LYS D 117 -1.81 23.38 22.93
CA LYS D 117 -2.67 24.41 23.53
C LYS D 117 -3.74 23.79 24.41
N ALA D 118 -4.34 22.68 23.97
CA ALA D 118 -5.39 22.05 24.77
C ALA D 118 -4.83 21.37 26.02
N VAL D 119 -3.64 20.78 25.90
CA VAL D 119 -3.01 20.15 27.07
C VAL D 119 -2.59 21.21 28.09
N THR D 120 -2.08 22.36 27.60
CA THR D 120 -1.70 23.45 28.48
C THR D 120 -2.92 24.06 29.17
N LYS D 121 -4.04 24.17 28.45
CA LYS D 121 -5.27 24.67 29.06
C LYS D 121 -5.86 23.67 30.06
N TYR D 122 -5.73 22.37 29.78
CA TYR D 122 -6.26 21.36 30.68
C TYR D 122 -5.44 21.24 31.96
N THR D 123 -4.12 21.40 31.86
CA THR D 123 -3.25 21.27 33.03
C THR D 123 -3.51 22.39 34.03
N SER D 124 -3.71 23.61 33.53
CA SER D 124 -4.03 24.75 34.40
C SER D 124 -5.45 24.70 34.95
N SER D 125 -6.30 23.78 34.45
CA SER D 125 -7.68 23.56 34.88
C SER D 125 -8.55 24.81 34.75
N PRO E 39 -30.12 16.35 -41.72
CA PRO E 39 -30.13 16.06 -40.27
C PRO E 39 -28.82 16.42 -39.59
N HIS E 40 -28.89 16.82 -38.33
CA HIS E 40 -27.70 17.22 -37.60
C HIS E 40 -26.89 16.01 -37.17
N ARG E 41 -25.59 16.04 -37.46
CA ARG E 41 -24.67 15.00 -37.04
C ARG E 41 -23.42 15.64 -36.47
N TYR E 42 -22.95 15.13 -35.34
CA TYR E 42 -21.70 15.58 -34.75
C TYR E 42 -20.54 14.75 -35.28
N ARG E 43 -19.39 15.40 -35.45
CA ARG E 43 -18.17 14.67 -35.77
C ARG E 43 -17.77 13.81 -34.57
N PRO E 44 -17.11 12.67 -34.80
CA PRO E 44 -16.81 11.75 -33.69
C PRO E 44 -15.86 12.34 -32.67
N GLY E 45 -16.38 12.56 -31.46
CA GLY E 45 -15.56 13.01 -30.34
C GLY E 45 -16.19 14.07 -29.46
N THR E 46 -16.96 15.00 -30.03
CA THR E 46 -17.51 16.10 -29.22
C THR E 46 -18.60 15.62 -28.28
N VAL E 47 -19.38 14.63 -28.72
CA VAL E 47 -20.32 13.95 -27.83
C VAL E 47 -19.57 13.24 -26.71
N ALA E 48 -18.38 12.71 -27.02
CA ALA E 48 -17.58 12.07 -25.99
C ALA E 48 -17.06 13.06 -24.95
N LEU E 49 -16.56 14.24 -25.36
CA LEU E 49 -16.12 15.20 -24.34
C LEU E 49 -17.30 15.77 -23.55
N ARG E 50 -18.47 15.91 -24.20
CA ARG E 50 -19.67 16.28 -23.45
C ARG E 50 -20.04 15.22 -22.43
N GLU E 51 -19.81 13.94 -22.77
CA GLU E 51 -20.06 12.87 -21.82
C GLU E 51 -19.05 12.88 -20.68
N ILE E 52 -17.79 13.23 -20.95
CA ILE E 52 -16.81 13.40 -19.88
C ILE E 52 -17.22 14.51 -18.92
N ARG E 53 -17.67 15.63 -19.47
CA ARG E 53 -18.09 16.76 -18.64
C ARG E 53 -19.37 16.43 -17.87
N ARG E 54 -20.25 15.63 -18.46
CA ARG E 54 -21.49 15.25 -17.78
C ARG E 54 -21.23 14.26 -16.65
N TYR E 55 -20.43 13.21 -16.92
CA TYR E 55 -20.27 12.15 -15.93
C TYR E 55 -19.18 12.45 -14.91
N GLN E 56 -18.34 13.46 -15.13
CA GLN E 56 -17.41 13.86 -14.09
C GLN E 56 -18.04 14.82 -13.09
N LYS E 57 -19.21 15.37 -13.39
CA LYS E 57 -19.90 16.28 -12.48
C LYS E 57 -20.92 15.58 -11.59
N SER E 58 -21.47 14.45 -12.03
CA SER E 58 -22.44 13.71 -11.25
C SER E 58 -21.71 12.81 -10.25
N THR E 59 -22.44 12.39 -9.21
CA THR E 59 -21.93 11.44 -8.24
C THR E 59 -22.70 10.13 -8.22
N GLU E 60 -23.71 9.97 -9.09
CA GLU E 60 -24.56 8.80 -9.07
C GLU E 60 -23.81 7.58 -9.59
N LEU E 61 -24.29 6.40 -9.19
CA LEU E 61 -23.67 5.16 -9.62
C LEU E 61 -24.05 4.85 -11.06
N LEU E 62 -23.09 4.35 -11.83
CA LEU E 62 -23.24 4.18 -13.27
C LEU E 62 -23.49 2.74 -13.68
N ILE E 63 -23.35 1.78 -12.76
CA ILE E 63 -23.65 0.38 -13.01
C ILE E 63 -25.04 0.10 -12.45
N ARG E 64 -25.87 -0.59 -13.25
CA ARG E 64 -27.23 -0.90 -12.84
C ARG E 64 -27.25 -1.85 -11.65
N LYS E 65 -28.11 -1.52 -10.68
CA LYS E 65 -28.02 -2.09 -9.34
C LYS E 65 -28.40 -3.56 -9.32
N LEU E 66 -29.48 -3.94 -10.00
CA LEU E 66 -29.87 -5.34 -10.04
C LEU E 66 -28.90 -6.25 -10.79
N PRO E 67 -28.34 -5.87 -11.98
CA PRO E 67 -27.22 -6.69 -12.52
C PRO E 67 -26.01 -6.77 -11.61
N PHE E 68 -25.64 -5.68 -10.93
CA PHE E 68 -24.51 -5.77 -10.01
C PHE E 68 -24.81 -6.67 -8.84
N GLN E 69 -26.04 -6.64 -8.34
CA GLN E 69 -26.44 -7.50 -7.23
C GLN E 69 -26.44 -8.96 -7.65
N ARG E 70 -26.91 -9.25 -8.86
CA ARG E 70 -26.89 -10.62 -9.37
C ARG E 70 -25.47 -11.14 -9.52
N LEU E 71 -24.56 -10.29 -10.02
CA LEU E 71 -23.16 -10.69 -10.13
C LEU E 71 -22.54 -10.93 -8.76
N VAL E 72 -22.88 -10.10 -7.77
CA VAL E 72 -22.36 -10.24 -6.42
C VAL E 72 -22.82 -11.55 -5.79
N ARG E 73 -24.10 -11.89 -5.97
CA ARG E 73 -24.61 -13.14 -5.41
C ARG E 73 -24.06 -14.36 -6.12
N GLU E 74 -23.83 -14.26 -7.44
CA GLU E 74 -23.24 -15.39 -8.15
C GLU E 74 -21.78 -15.62 -7.71
N ILE E 75 -21.04 -14.53 -7.48
CA ILE E 75 -19.66 -14.67 -7.00
C ILE E 75 -19.63 -15.22 -5.58
N ALA E 76 -20.53 -14.74 -4.71
CA ALA E 76 -20.54 -15.20 -3.33
C ALA E 76 -21.11 -16.59 -3.18
N GLN E 77 -21.85 -17.08 -4.19
CA GLN E 77 -22.36 -18.44 -4.16
C GLN E 77 -21.24 -19.48 -4.24
N ASP E 78 -20.14 -19.15 -4.93
CA ASP E 78 -19.01 -20.06 -5.03
C ASP E 78 -18.25 -20.19 -3.71
N PHE E 79 -18.39 -19.26 -2.79
CA PHE E 79 -17.72 -19.31 -1.50
C PHE E 79 -18.57 -19.93 -0.39
N LYS E 80 -19.87 -19.68 -0.36
CA LYS E 80 -20.72 -20.28 0.65
C LYS E 80 -22.12 -20.46 0.09
N THR E 81 -22.69 -21.64 0.33
CA THR E 81 -24.02 -21.99 -0.15
C THR E 81 -25.08 -21.19 0.61
N ASP E 82 -26.08 -20.72 -0.16
CA ASP E 82 -27.32 -20.06 0.32
C ASP E 82 -27.07 -18.87 1.28
N LEU E 83 -26.09 -18.06 0.90
CA LEU E 83 -25.71 -16.85 1.61
C LEU E 83 -26.80 -15.79 1.57
N ARG E 84 -26.59 -14.72 2.32
CA ARG E 84 -27.57 -13.65 2.45
C ARG E 84 -26.82 -12.33 2.47
N PHE E 85 -27.49 -11.26 2.07
CA PHE E 85 -26.84 -9.95 1.97
C PHE E 85 -27.75 -8.88 2.54
N GLN E 86 -27.17 -7.96 3.30
CA GLN E 86 -27.85 -6.72 3.58
C GLN E 86 -27.90 -5.85 2.32
N SER E 87 -28.84 -4.92 2.31
CA SER E 87 -28.95 -4.02 1.17
C SER E 87 -27.76 -3.06 1.09
N SER E 88 -27.22 -2.66 2.24
CA SER E 88 -26.08 -1.77 2.27
C SER E 88 -24.76 -2.45 1.95
N ALA E 89 -24.67 -3.77 2.09
CA ALA E 89 -23.45 -4.48 1.75
C ALA E 89 -23.20 -4.48 0.24
N VAL E 90 -24.25 -4.75 -0.54
CA VAL E 90 -24.16 -4.69 -2.00
C VAL E 90 -23.91 -3.26 -2.45
N MET E 91 -24.49 -2.29 -1.72
CA MET E 91 -24.27 -0.88 -2.02
C MET E 91 -22.81 -0.49 -1.84
N ALA E 92 -22.21 -0.90 -0.72
CA ALA E 92 -20.81 -0.62 -0.44
C ALA E 92 -19.89 -1.30 -1.43
N LEU E 93 -20.24 -2.54 -1.83
CA LEU E 93 -19.51 -3.23 -2.88
C LEU E 93 -19.58 -2.47 -4.19
N GLN E 94 -20.72 -1.86 -4.50
CA GLN E 94 -20.86 -1.13 -5.75
C GLN E 94 -20.06 0.17 -5.75
N GLU E 95 -20.05 0.92 -4.65
CA GLU E 95 -19.21 2.12 -4.60
C GLU E 95 -17.74 1.78 -4.67
N ALA E 96 -17.32 0.70 -4.01
CA ALA E 96 -15.92 0.27 -4.06
C ALA E 96 -15.53 -0.14 -5.48
N CYS E 97 -16.40 -0.88 -6.16
CA CYS E 97 -16.07 -1.38 -7.49
C CYS E 97 -16.05 -0.24 -8.52
N GLU E 98 -17.01 0.68 -8.45
CA GLU E 98 -17.01 1.79 -9.40
C GLU E 98 -15.84 2.74 -9.16
N ALA E 99 -15.47 2.97 -7.90
CA ALA E 99 -14.30 3.81 -7.62
C ALA E 99 -13.01 3.14 -8.09
N TYR E 100 -12.91 1.83 -7.92
CA TYR E 100 -11.75 1.09 -8.41
C TYR E 100 -11.66 1.13 -9.93
N LEU E 101 -12.80 0.99 -10.62
CA LEU E 101 -12.76 1.01 -12.08
C LEU E 101 -12.48 2.41 -12.63
N VAL E 102 -12.98 3.45 -11.97
CA VAL E 102 -12.68 4.82 -12.38
C VAL E 102 -11.19 5.12 -12.19
N GLY E 103 -10.63 4.74 -11.03
CA GLY E 103 -9.22 4.94 -10.79
C GLY E 103 -8.33 4.10 -11.69
N LEU E 104 -8.83 2.95 -12.15
CA LEU E 104 -8.10 2.17 -13.13
C LEU E 104 -8.14 2.80 -14.51
N PHE E 105 -9.30 3.39 -14.88
CA PHE E 105 -9.42 3.99 -16.20
C PHE E 105 -8.61 5.27 -16.31
N GLU E 106 -8.39 5.98 -15.19
CA GLU E 106 -7.49 7.14 -15.22
C GLU E 106 -6.05 6.73 -15.58
N ASP E 107 -5.55 5.66 -14.94
CA ASP E 107 -4.21 5.19 -15.25
C ASP E 107 -4.13 4.55 -16.63
N THR E 108 -5.22 3.92 -17.08
CA THR E 108 -5.29 3.39 -18.45
C THR E 108 -5.20 4.51 -19.47
N ASN E 109 -5.91 5.62 -19.21
CA ASN E 109 -5.84 6.78 -20.10
C ASN E 109 -4.44 7.39 -20.09
N LEU E 110 -3.79 7.41 -18.92
CA LEU E 110 -2.41 7.91 -18.84
C LEU E 110 -1.45 7.06 -19.67
N CYS E 111 -1.62 5.73 -19.62
CA CYS E 111 -0.80 4.84 -20.45
C CYS E 111 -1.10 5.04 -21.93
N ALA E 112 -2.36 5.31 -22.28
CA ALA E 112 -2.72 5.55 -23.67
C ALA E 112 -2.10 6.82 -24.22
N ILE E 113 -2.08 7.90 -23.42
CA ILE E 113 -1.38 9.12 -23.87
C ILE E 113 0.13 8.90 -23.88
N HIS E 114 0.65 8.06 -22.98
CA HIS E 114 2.09 7.79 -23.00
C HIS E 114 2.49 7.01 -24.25
N ALA E 115 1.61 6.16 -24.76
CA ALA E 115 1.88 5.48 -26.02
C ALA E 115 1.47 6.28 -27.24
N LYS E 116 1.27 7.60 -27.08
CA LYS E 116 0.91 8.55 -28.16
C LYS E 116 -0.38 8.15 -28.87
N ARG E 117 -1.37 7.73 -28.10
CA ARG E 117 -2.69 7.42 -28.63
C ARG E 117 -3.75 8.18 -27.86
N VAL E 118 -4.99 8.03 -28.31
CA VAL E 118 -6.16 8.54 -27.61
C VAL E 118 -7.16 7.44 -27.29
N THR E 119 -6.98 6.25 -27.84
CA THR E 119 -7.84 5.10 -27.60
C THR E 119 -7.18 4.20 -26.57
N ILE E 120 -7.90 3.90 -25.49
CA ILE E 120 -7.38 3.00 -24.47
C ILE E 120 -7.48 1.56 -24.96
N MET E 121 -6.53 0.73 -24.58
CA MET E 121 -6.41 -0.64 -25.04
C MET E 121 -6.21 -1.59 -23.87
N PRO E 122 -6.51 -2.89 -24.06
CA PRO E 122 -6.22 -3.88 -23.01
C PRO E 122 -4.75 -3.96 -22.64
N LYS E 123 -3.83 -3.63 -23.53
CA LYS E 123 -2.43 -3.54 -23.14
C LYS E 123 -2.19 -2.37 -22.19
N ASP E 124 -2.96 -1.28 -22.32
CA ASP E 124 -2.84 -0.19 -21.35
C ASP E 124 -3.44 -0.57 -20.00
N ILE E 125 -4.55 -1.33 -20.02
CA ILE E 125 -5.12 -1.85 -18.77
C ILE E 125 -4.12 -2.77 -18.08
N GLN E 126 -3.48 -3.65 -18.86
CA GLN E 126 -2.51 -4.60 -18.33
C GLN E 126 -1.28 -3.89 -17.77
N LEU E 127 -0.79 -2.86 -18.46
CA LEU E 127 0.37 -2.13 -18.00
C LEU E 127 0.06 -1.35 -16.72
N ALA E 128 -1.12 -0.73 -16.65
CA ALA E 128 -1.51 0.00 -15.45
C ALA E 128 -1.64 -0.93 -14.25
N ARG E 129 -2.23 -2.11 -14.45
CA ARG E 129 -2.35 -3.07 -13.37
C ARG E 129 -1.01 -3.66 -12.97
N ARG E 130 -0.11 -3.84 -13.93
CA ARG E 130 1.22 -4.38 -13.63
C ARG E 130 2.05 -3.39 -12.83
N ILE E 131 1.98 -2.10 -13.17
CA ILE E 131 2.70 -1.10 -12.41
C ILE E 131 2.08 -0.91 -11.03
N ARG E 132 0.75 -0.99 -10.94
CA ARG E 132 0.09 -0.90 -9.64
C ARG E 132 0.40 -2.11 -8.76
N GLY E 133 0.71 -3.26 -9.37
CA GLY E 133 1.11 -4.42 -8.61
C GLY E 133 -0.03 -5.38 -8.35
N GLU E 134 -0.90 -5.54 -9.34
CA GLU E 134 -2.05 -6.43 -9.22
C GLU E 134 -1.93 -7.61 -10.18
N VAL F 22 -29.81 -20.55 -8.08
CA VAL F 22 -28.50 -20.61 -8.74
C VAL F 22 -28.45 -19.60 -9.90
N LEU F 23 -27.40 -18.78 -9.91
CA LEU F 23 -27.22 -17.75 -10.94
C LEU F 23 -26.05 -18.12 -11.83
N ARG F 24 -26.25 -18.02 -13.14
CA ARG F 24 -25.22 -18.36 -14.11
C ARG F 24 -25.03 -17.23 -15.11
N ASP F 25 -23.77 -16.78 -15.25
CA ASP F 25 -23.31 -15.83 -16.28
C ASP F 25 -24.08 -14.50 -16.14
N ASN F 26 -23.72 -13.78 -15.08
CA ASN F 26 -24.24 -12.45 -14.85
C ASN F 26 -23.16 -11.39 -14.96
N ILE F 27 -21.97 -11.77 -15.42
CA ILE F 27 -20.93 -10.79 -15.69
C ILE F 27 -21.30 -9.91 -16.88
N GLN F 28 -22.07 -10.43 -17.84
CA GLN F 28 -22.57 -9.62 -18.95
C GLN F 28 -23.66 -8.65 -18.52
N GLY F 29 -24.16 -8.73 -17.28
CA GLY F 29 -24.98 -7.68 -16.72
C GLY F 29 -24.27 -6.36 -16.57
N ILE F 30 -22.94 -6.36 -16.49
CA ILE F 30 -22.15 -5.14 -16.59
C ILE F 30 -22.08 -4.82 -18.08
N THR F 31 -23.04 -4.02 -18.55
CA THR F 31 -23.23 -3.85 -19.98
C THR F 31 -22.16 -2.93 -20.56
N LYS F 32 -22.12 -2.91 -21.90
CA LYS F 32 -21.20 -2.02 -22.61
C LYS F 32 -21.41 -0.53 -22.32
N PRO F 33 -22.64 0.05 -22.32
CA PRO F 33 -22.75 1.47 -21.94
C PRO F 33 -22.37 1.77 -20.49
N ALA F 34 -22.49 0.80 -19.59
CA ALA F 34 -22.03 1.00 -18.22
C ALA F 34 -20.51 1.16 -18.16
N ILE F 35 -19.78 0.31 -18.88
CA ILE F 35 -18.32 0.42 -18.93
C ILE F 35 -17.91 1.71 -19.64
N ARG F 36 -18.68 2.12 -20.67
CA ARG F 36 -18.41 3.39 -21.32
C ARG F 36 -18.63 4.57 -20.39
N ARG F 37 -19.66 4.51 -19.55
CA ARG F 37 -19.91 5.57 -18.56
C ARG F 37 -18.81 5.61 -17.51
N LEU F 38 -18.33 4.44 -17.09
CA LEU F 38 -17.21 4.36 -16.16
C LEU F 38 -15.94 4.97 -16.76
N ALA F 39 -15.69 4.72 -18.05
CA ALA F 39 -14.52 5.29 -18.70
C ALA F 39 -14.69 6.79 -18.94
N ARG F 40 -15.92 7.26 -19.19
CA ARG F 40 -16.16 8.68 -19.34
C ARG F 40 -15.94 9.42 -18.02
N ARG F 41 -16.34 8.81 -16.90
CA ARG F 41 -16.01 9.37 -15.60
C ARG F 41 -14.52 9.32 -15.34
N GLY F 42 -13.84 8.27 -15.82
CA GLY F 42 -12.41 8.20 -15.70
C GLY F 42 -11.62 9.09 -16.63
N GLY F 43 -12.27 9.75 -17.58
CA GLY F 43 -11.58 10.69 -18.43
C GLY F 43 -11.14 10.16 -19.78
N VAL F 44 -11.73 9.06 -20.24
CA VAL F 44 -11.30 8.38 -21.45
C VAL F 44 -12.14 8.85 -22.62
N LYS F 45 -11.48 9.37 -23.67
CA LYS F 45 -12.17 9.89 -24.83
C LYS F 45 -12.57 8.80 -25.82
N ARG F 46 -11.67 7.87 -26.12
CA ARG F 46 -11.92 6.82 -27.10
C ARG F 46 -11.64 5.46 -26.49
N ILE F 47 -12.52 4.50 -26.75
CA ILE F 47 -12.49 3.18 -26.12
C ILE F 47 -12.42 2.11 -27.21
N SER F 48 -11.43 1.23 -27.10
CA SER F 48 -11.33 0.12 -28.03
C SER F 48 -12.41 -0.91 -27.77
N GLY F 49 -12.68 -1.74 -28.79
CA GLY F 49 -13.71 -2.75 -28.67
C GLY F 49 -13.35 -3.92 -27.78
N LEU F 50 -12.06 -4.16 -27.56
CA LEU F 50 -11.61 -5.25 -26.69
C LEU F 50 -11.47 -4.82 -25.24
N ILE F 51 -11.82 -3.57 -24.92
CA ILE F 51 -11.68 -3.07 -23.55
C ILE F 51 -12.69 -3.74 -22.62
N TYR F 52 -13.90 -4.01 -23.12
CA TYR F 52 -15.02 -4.38 -22.27
C TYR F 52 -14.84 -5.75 -21.62
N GLU F 53 -14.36 -6.74 -22.38
CA GLU F 53 -14.13 -8.07 -21.82
C GLU F 53 -13.01 -8.05 -20.78
N GLU F 54 -11.96 -7.26 -21.04
CA GLU F 54 -10.88 -7.09 -20.07
C GLU F 54 -11.39 -6.42 -18.80
N THR F 55 -12.25 -5.43 -18.94
CA THR F 55 -12.82 -4.72 -17.79
C THR F 55 -13.70 -5.67 -16.97
N ARG F 56 -14.46 -6.53 -17.65
CA ARG F 56 -15.27 -7.53 -16.95
C ARG F 56 -14.40 -8.51 -16.19
N GLY F 57 -13.27 -8.94 -16.78
CA GLY F 57 -12.35 -9.82 -16.08
C GLY F 57 -11.71 -9.18 -14.85
N VAL F 58 -11.29 -7.92 -14.99
CA VAL F 58 -10.67 -7.20 -13.89
C VAL F 58 -11.67 -6.96 -12.76
N LEU F 59 -12.90 -6.57 -13.10
CA LEU F 59 -13.95 -6.36 -12.11
C LEU F 59 -14.32 -7.66 -11.42
N LYS F 60 -14.33 -8.78 -12.15
CA LYS F 60 -14.61 -10.08 -11.54
C LYS F 60 -13.53 -10.48 -10.56
N VAL F 61 -12.25 -10.22 -10.91
CA VAL F 61 -11.15 -10.56 -10.01
C VAL F 61 -11.21 -9.72 -8.73
N PHE F 62 -11.45 -8.42 -8.88
CA PHE F 62 -11.55 -7.52 -7.73
C PHE F 62 -12.74 -7.89 -6.83
N LEU F 63 -13.88 -8.22 -7.45
CA LEU F 63 -15.06 -8.59 -6.68
C LEU F 63 -14.86 -9.91 -5.94
N GLU F 64 -14.18 -10.88 -6.57
CA GLU F 64 -13.86 -12.12 -5.87
C GLU F 64 -12.95 -11.88 -4.68
N ASN F 65 -11.95 -11.01 -4.85
CA ASN F 65 -11.00 -10.73 -3.77
C ASN F 65 -11.66 -10.04 -2.59
N VAL F 66 -12.60 -9.12 -2.85
CA VAL F 66 -13.28 -8.46 -1.74
C VAL F 66 -14.31 -9.39 -1.09
N ILE F 67 -15.09 -10.09 -1.91
CA ILE F 67 -16.20 -10.93 -1.42
C ILE F 67 -15.68 -12.10 -0.61
N ARG F 68 -14.53 -12.68 -0.97
CA ARG F 68 -13.98 -13.80 -0.22
C ARG F 68 -13.62 -13.40 1.21
N ASP F 69 -13.00 -12.23 1.38
CA ASP F 69 -12.67 -11.74 2.71
C ASP F 69 -13.93 -11.37 3.49
N ALA F 70 -14.94 -10.80 2.81
CA ALA F 70 -16.20 -10.48 3.48
C ALA F 70 -16.90 -11.75 3.99
N VAL F 71 -16.93 -12.80 3.17
CA VAL F 71 -17.53 -14.07 3.56
C VAL F 71 -16.75 -14.71 4.71
N THR F 72 -15.42 -14.55 4.71
CA THR F 72 -14.60 -15.01 5.83
C THR F 72 -14.97 -14.30 7.13
N TYR F 73 -15.21 -12.98 7.06
CA TYR F 73 -15.61 -12.22 8.24
C TYR F 73 -16.98 -12.68 8.77
N THR F 74 -17.96 -12.86 7.87
CA THR F 74 -19.27 -13.33 8.33
C THR F 74 -19.25 -14.77 8.83
N GLU F 75 -18.41 -15.62 8.27
CA GLU F 75 -18.30 -16.98 8.76
C GLU F 75 -17.57 -17.06 10.09
N HIS F 76 -16.63 -16.14 10.36
CA HIS F 76 -16.05 -16.09 11.70
C HIS F 76 -17.05 -15.53 12.70
N ALA F 77 -17.93 -14.64 12.26
CA ALA F 77 -18.94 -14.13 13.18
C ALA F 77 -20.11 -15.10 13.43
N LYS F 78 -20.09 -16.30 12.82
CA LYS F 78 -21.17 -17.28 12.91
C LYS F 78 -22.50 -16.70 12.44
N ARG F 79 -22.44 -15.88 11.41
CA ARG F 79 -23.61 -15.27 10.79
C ARG F 79 -23.78 -15.86 9.40
N LYS F 80 -24.93 -15.60 8.78
CA LYS F 80 -25.14 -16.03 7.41
C LYS F 80 -25.55 -14.89 6.49
N THR F 81 -25.65 -13.67 6.99
CA THR F 81 -25.93 -12.50 6.16
C THR F 81 -24.68 -11.62 6.12
N VAL F 82 -24.25 -11.28 4.91
CA VAL F 82 -23.10 -10.41 4.76
C VAL F 82 -23.53 -8.98 5.00
N THR F 83 -22.84 -8.31 5.92
CA THR F 83 -23.19 -6.95 6.32
C THR F 83 -22.24 -5.95 5.67
N ALA F 84 -22.71 -4.70 5.63
CA ALA F 84 -21.91 -3.61 5.08
C ALA F 84 -20.66 -3.38 5.89
N MET F 85 -20.71 -3.66 7.20
CA MET F 85 -19.55 -3.44 8.04
C MET F 85 -18.48 -4.49 7.74
N ASP F 86 -18.92 -5.70 7.42
CA ASP F 86 -18.00 -6.76 6.99
C ASP F 86 -17.39 -6.44 5.62
N VAL F 87 -18.19 -5.86 4.73
CA VAL F 87 -17.65 -5.41 3.43
C VAL F 87 -16.62 -4.31 3.64
N VAL F 88 -16.88 -3.41 4.60
CA VAL F 88 -15.97 -2.32 4.92
C VAL F 88 -14.66 -2.85 5.48
N TYR F 89 -14.73 -3.86 6.37
CA TYR F 89 -13.52 -4.50 6.88
C TYR F 89 -12.74 -5.22 5.78
N ALA F 90 -13.45 -5.92 4.89
CA ALA F 90 -12.79 -6.61 3.79
C ALA F 90 -12.11 -5.63 2.84
N LEU F 91 -12.71 -4.45 2.65
CA LEU F 91 -12.08 -3.43 1.82
C LEU F 91 -10.90 -2.79 2.54
N LYS F 92 -11.01 -2.60 3.85
CA LYS F 92 -9.98 -1.91 4.61
C LYS F 92 -8.73 -2.76 4.72
N ARG F 93 -8.89 -4.08 4.76
CA ARG F 93 -7.71 -4.93 4.85
C ARG F 93 -6.98 -5.10 3.52
N GLN F 94 -7.49 -4.53 2.42
CA GLN F 94 -6.77 -4.47 1.16
C GLN F 94 -6.28 -3.07 0.83
N GLY F 95 -6.33 -2.15 1.79
CA GLY F 95 -5.89 -0.79 1.54
C GLY F 95 -6.82 0.03 0.67
N ARG F 96 -8.11 -0.29 0.68
CA ARG F 96 -9.14 0.37 -0.11
C ARG F 96 -10.27 0.86 0.79
N THR F 97 -9.89 1.63 1.81
CA THR F 97 -10.80 2.10 2.85
C THR F 97 -11.97 2.90 2.29
N LEU F 98 -13.17 2.55 2.72
CA LEU F 98 -14.41 3.14 2.22
C LEU F 98 -15.09 3.90 3.35
N TYR F 99 -15.53 5.12 3.06
CA TYR F 99 -16.23 5.95 4.03
C TYR F 99 -17.71 5.97 3.70
N GLY F 100 -18.55 6.00 4.73
CA GLY F 100 -19.97 6.22 4.52
C GLY F 100 -20.86 5.05 4.85
N PHE F 101 -20.29 3.96 5.34
CA PHE F 101 -21.06 2.78 5.70
C PHE F 101 -20.73 2.30 7.11
N GLY F 102 -20.24 3.18 7.97
CA GLY F 102 -19.90 2.82 9.33
C GLY F 102 -18.40 2.74 9.57
N ALA G 13 5.78 -32.89 39.75
CA ALA G 13 5.92 -33.66 38.51
C ALA G 13 7.00 -33.06 37.62
N LYS G 14 7.55 -33.87 36.72
CA LYS G 14 8.56 -33.40 35.80
C LYS G 14 7.93 -32.51 34.73
N ALA G 15 8.53 -31.33 34.53
CA ALA G 15 7.96 -30.34 33.62
C ALA G 15 8.14 -30.76 32.17
N LYS G 16 7.09 -30.62 31.38
CA LYS G 16 7.11 -30.87 29.96
C LYS G 16 6.85 -29.56 29.23
N SER G 17 7.60 -29.30 28.16
CA SER G 17 7.38 -28.11 27.36
C SER G 17 6.08 -28.22 26.59
N ARG G 18 5.40 -27.08 26.42
CA ARG G 18 4.19 -27.04 25.63
C ARG G 18 4.47 -27.31 24.15
N SER G 19 5.67 -26.92 23.68
CA SER G 19 6.08 -27.28 22.33
C SER G 19 6.25 -28.78 22.18
N SER G 20 6.76 -29.45 23.21
CA SER G 20 6.88 -30.90 23.19
C SER G 20 5.51 -31.56 23.27
N ARG G 21 4.57 -30.96 24.01
CA ARG G 21 3.22 -31.48 24.07
C ARG G 21 2.49 -31.32 22.74
N ALA G 22 2.77 -30.23 22.03
CA ALA G 22 2.16 -29.99 20.73
C ALA G 22 2.92 -30.65 19.59
N GLY G 23 4.09 -31.20 19.84
CA GLY G 23 4.87 -31.81 18.78
C GLY G 23 5.53 -30.79 17.88
N LEU G 24 5.87 -29.62 18.39
CA LEU G 24 6.44 -28.54 17.62
C LEU G 24 7.89 -28.32 18.01
N GLN G 25 8.57 -27.49 17.23
CA GLN G 25 9.90 -27.01 17.58
C GLN G 25 9.91 -25.54 17.95
N PHE G 26 8.89 -24.78 17.56
CA PHE G 26 8.76 -23.37 17.86
C PHE G 26 8.20 -23.17 19.27
N PRO G 27 8.61 -22.11 20.00
CA PRO G 27 8.30 -22.01 21.43
C PRO G 27 6.87 -21.56 21.69
N VAL G 28 6.04 -22.50 22.17
CA VAL G 28 4.64 -22.19 22.48
C VAL G 28 4.57 -21.24 23.67
N GLY G 29 5.41 -21.46 24.68
CA GLY G 29 5.41 -20.58 25.85
C GLY G 29 5.86 -19.17 25.55
N ARG G 30 6.91 -19.04 24.74
CA ARG G 30 7.39 -17.71 24.35
C ARG G 30 6.39 -17.00 23.45
N VAL G 31 5.74 -17.75 22.54
CA VAL G 31 4.71 -17.16 21.69
C VAL G 31 3.51 -16.72 22.52
N HIS G 32 3.16 -17.49 23.56
CA HIS G 32 2.09 -17.11 24.47
C HIS G 32 2.44 -15.85 25.25
N ARG G 33 3.69 -15.74 25.71
CA ARG G 33 4.12 -14.56 26.45
C ARG G 33 4.15 -13.33 25.56
N LEU G 34 4.56 -13.50 24.29
CA LEU G 34 4.55 -12.38 23.36
C LEU G 34 3.12 -11.97 22.98
N LEU G 35 2.20 -12.93 22.95
CA LEU G 35 0.79 -12.60 22.71
C LEU G 35 0.20 -11.87 23.90
N ARG G 36 0.56 -12.27 25.12
CA ARG G 36 0.02 -11.62 26.31
C ARG G 36 0.61 -10.23 26.50
N LYS G 37 1.89 -10.06 26.22
CA LYS G 37 2.57 -8.79 26.46
C LYS G 37 2.50 -7.83 25.29
N GLY G 38 2.01 -8.29 24.14
CA GLY G 38 2.02 -7.49 22.94
C GLY G 38 0.84 -6.56 22.74
N ASN G 39 -0.06 -6.48 23.73
CA ASN G 39 -1.25 -5.62 23.73
C ASN G 39 -2.16 -5.92 22.54
N TYR G 40 -2.61 -7.17 22.47
CA TYR G 40 -3.51 -7.62 21.43
C TYR G 40 -4.93 -7.83 21.92
N ALA G 41 -5.10 -8.63 22.97
CA ALA G 41 -6.40 -8.83 23.59
C ALA G 41 -6.26 -8.76 25.10
N GLU G 42 -7.40 -8.70 25.77
CA GLU G 42 -7.39 -8.71 27.24
C GLU G 42 -6.96 -10.08 27.78
N ARG G 43 -7.38 -11.15 27.12
CA ARG G 43 -6.98 -12.49 27.51
C ARG G 43 -6.61 -13.29 26.27
N VAL G 44 -5.84 -14.35 26.48
CA VAL G 44 -5.36 -15.22 25.42
C VAL G 44 -5.75 -16.66 25.76
N GLY G 45 -6.38 -17.35 24.82
CA GLY G 45 -6.75 -18.73 25.02
C GLY G 45 -5.55 -19.65 25.02
N ALA G 46 -5.80 -20.90 25.42
CA ALA G 46 -4.71 -21.87 25.57
C ALA G 46 -4.23 -22.38 24.21
N GLY G 47 -5.14 -22.58 23.26
CA GLY G 47 -4.76 -23.11 21.97
C GLY G 47 -4.24 -22.10 20.97
N ALA G 48 -4.41 -20.82 21.26
CA ALA G 48 -3.92 -19.78 20.35
C ALA G 48 -2.40 -19.75 20.20
N PRO G 49 -1.56 -19.83 21.27
CA PRO G 49 -0.11 -19.95 21.00
C PRO G 49 0.29 -21.23 20.32
N VAL G 50 -0.45 -22.33 20.52
CA VAL G 50 -0.15 -23.58 19.84
C VAL G 50 -0.39 -23.45 18.35
N TYR G 51 -1.53 -22.87 17.98
CA TYR G 51 -1.86 -22.63 16.57
C TYR G 51 -0.88 -21.64 15.94
N MET G 52 -0.52 -20.59 16.68
CA MET G 52 0.45 -19.60 16.20
C MET G 52 1.82 -20.22 15.95
N ALA G 53 2.32 -21.01 16.89
CA ALA G 53 3.63 -21.63 16.74
C ALA G 53 3.62 -22.66 15.62
N ALA G 54 2.50 -23.36 15.44
CA ALA G 54 2.39 -24.32 14.32
C ALA G 54 2.43 -23.63 12.98
N VAL G 55 1.70 -22.51 12.84
CA VAL G 55 1.66 -21.78 11.57
C VAL G 55 3.04 -21.19 11.25
N LEU G 56 3.69 -20.62 12.27
CA LEU G 56 5.04 -20.07 12.09
C LEU G 56 6.03 -21.16 11.72
N GLU G 57 5.94 -22.32 12.37
CA GLU G 57 6.84 -23.44 12.09
C GLU G 57 6.66 -23.96 10.66
N TYR G 58 5.41 -24.06 10.20
CA TYR G 58 5.16 -24.50 8.83
C TYR G 58 5.71 -23.50 7.81
N LEU G 59 5.53 -22.21 8.07
CA LEU G 59 5.99 -21.19 7.12
C LEU G 59 7.52 -21.17 7.01
N THR G 60 8.21 -21.23 8.15
CA THR G 60 9.67 -21.30 8.09
C THR G 60 10.16 -22.61 7.52
N ALA G 61 9.44 -23.72 7.73
CA ALA G 61 9.84 -24.99 7.13
C ALA G 61 9.75 -24.93 5.62
N GLU G 62 8.68 -24.35 5.09
CA GLU G 62 8.52 -24.23 3.64
C GLU G 62 9.58 -23.33 3.03
N ILE G 63 9.81 -22.15 3.64
CA ILE G 63 10.78 -21.21 3.08
C ILE G 63 12.20 -21.76 3.18
N LEU G 64 12.54 -22.39 4.31
CA LEU G 64 13.88 -22.95 4.51
C LEU G 64 14.12 -24.14 3.58
N GLU G 65 13.11 -24.96 3.32
CA GLU G 65 13.33 -26.10 2.44
C GLU G 65 13.47 -25.66 0.98
N LEU G 66 12.69 -24.66 0.56
CA LEU G 66 12.87 -24.14 -0.79
C LEU G 66 14.21 -23.43 -0.96
N ALA G 67 14.66 -22.72 0.08
CA ALA G 67 15.95 -22.05 0.01
C ALA G 67 17.10 -23.06 0.05
N GLY G 68 16.94 -24.15 0.78
CA GLY G 68 17.94 -25.21 0.75
C GLY G 68 18.01 -25.90 -0.60
N ASN G 69 16.85 -26.06 -1.25
CA ASN G 69 16.84 -26.58 -2.62
C ASN G 69 17.55 -25.64 -3.59
N ALA G 70 17.34 -24.34 -3.42
CA ALA G 70 18.04 -23.36 -4.27
C ALA G 70 19.55 -23.38 -4.02
N ALA G 71 19.95 -23.55 -2.74
CA ALA G 71 21.36 -23.67 -2.41
C ALA G 71 21.97 -24.93 -3.00
N ARG G 72 21.21 -26.02 -3.01
CA ARG G 72 21.69 -27.26 -3.60
C ARG G 72 21.83 -27.14 -5.12
N ASP G 73 20.91 -26.45 -5.77
CA ASP G 73 21.06 -26.22 -7.21
C ASP G 73 22.16 -25.21 -7.53
N ASN G 74 22.55 -24.39 -6.55
CA ASN G 74 23.68 -23.49 -6.74
C ASN G 74 24.99 -24.19 -6.32
N LYS G 75 24.89 -25.48 -5.96
CA LYS G 75 25.99 -26.32 -5.47
C LYS G 75 26.66 -25.71 -4.24
N LYS G 76 25.85 -25.20 -3.32
CA LYS G 76 26.32 -24.65 -2.07
C LYS G 76 25.60 -25.36 -0.92
N THR G 77 26.30 -25.52 0.20
CA THR G 77 25.72 -26.14 1.38
C THR G 77 25.57 -25.14 2.52
N ARG G 78 25.17 -23.91 2.19
CA ARG G 78 24.84 -22.90 3.18
C ARG G 78 23.82 -21.94 2.56
N ILE G 79 22.73 -21.69 3.27
CA ILE G 79 21.69 -20.80 2.76
C ILE G 79 22.11 -19.35 2.97
N ILE G 80 22.03 -18.55 1.90
CA ILE G 80 22.36 -17.15 1.97
C ILE G 80 21.11 -16.34 1.61
N PRO G 81 21.10 -15.01 1.83
CA PRO G 81 19.95 -14.21 1.40
C PRO G 81 19.62 -14.28 -0.08
N ARG G 82 20.60 -14.56 -0.95
CA ARG G 82 20.30 -14.80 -2.36
C ARG G 82 19.42 -16.03 -2.53
N HIS G 83 19.72 -17.11 -1.79
CA HIS G 83 18.90 -18.31 -1.85
C HIS G 83 17.51 -18.08 -1.29
N LEU G 84 17.41 -17.30 -0.19
CA LEU G 84 16.11 -16.97 0.37
C LEU G 84 15.28 -16.13 -0.61
N GLN G 85 15.91 -15.16 -1.26
CA GLN G 85 15.21 -14.31 -2.21
C GLN G 85 14.77 -15.10 -3.44
N LEU G 86 15.62 -16.00 -3.93
CA LEU G 86 15.27 -16.84 -5.08
C LEU G 86 14.09 -17.74 -4.76
N ALA G 87 14.10 -18.36 -3.57
CA ALA G 87 13.01 -19.25 -3.16
C ALA G 87 11.72 -18.48 -2.96
N ILE G 88 11.79 -17.25 -2.46
CA ILE G 88 10.56 -16.49 -2.24
C ILE G 88 10.01 -15.94 -3.56
N ARG G 89 10.87 -15.38 -4.41
CA ARG G 89 10.39 -14.76 -5.64
C ARG G 89 10.09 -15.77 -6.74
N ASN G 90 10.44 -17.05 -6.58
CA ASN G 90 10.06 -18.05 -7.56
C ASN G 90 8.73 -18.72 -7.25
N ASP G 91 7.93 -18.17 -6.35
CA ASP G 91 6.71 -18.79 -5.87
C ASP G 91 5.59 -17.75 -5.84
N GLU G 92 4.42 -18.11 -6.42
CA GLU G 92 3.21 -17.30 -6.33
C GLU G 92 2.84 -16.86 -4.91
N GLU G 93 2.62 -17.83 -4.04
CA GLU G 93 2.03 -17.50 -2.75
C GLU G 93 3.05 -16.85 -1.82
N LEU G 94 4.32 -17.22 -1.93
CA LEU G 94 5.35 -16.53 -1.19
C LEU G 94 5.57 -15.11 -1.72
N ASN G 95 5.45 -14.91 -3.03
CA ASN G 95 5.54 -13.57 -3.60
C ASN G 95 4.37 -12.70 -3.17
N LYS G 96 3.17 -13.27 -3.08
CA LYS G 96 2.02 -12.49 -2.65
C LYS G 96 2.08 -12.21 -1.15
N LEU G 97 2.68 -13.13 -0.38
CA LEU G 97 2.82 -12.90 1.05
C LEU G 97 3.88 -11.85 1.35
N LEU G 98 4.98 -11.85 0.59
CA LEU G 98 6.10 -10.95 0.82
C LEU G 98 6.30 -9.99 -0.36
N GLY G 99 5.21 -9.42 -0.87
CA GLY G 99 5.32 -8.54 -2.01
C GLY G 99 5.95 -7.20 -1.70
N LYS G 100 5.61 -6.63 -0.55
CA LYS G 100 6.11 -5.32 -0.15
C LYS G 100 7.27 -5.45 0.84
N VAL G 101 8.10 -6.48 0.68
CA VAL G 101 9.17 -6.80 1.60
C VAL G 101 10.48 -6.80 0.82
N THR G 102 11.47 -6.05 1.32
CA THR G 102 12.81 -6.04 0.76
C THR G 102 13.69 -6.99 1.56
N ILE G 103 14.37 -7.90 0.87
CA ILE G 103 15.33 -8.81 1.47
C ILE G 103 16.73 -8.25 1.19
N ALA G 104 17.48 -8.01 2.26
CA ALA G 104 18.81 -7.41 2.12
C ALA G 104 19.79 -8.43 1.55
N GLN G 105 20.62 -7.95 0.60
CA GLN G 105 21.56 -8.77 -0.17
C GLN G 105 20.87 -9.93 -0.88
N GLY G 106 19.67 -9.69 -1.39
CA GLY G 106 18.94 -10.74 -2.08
C GLY G 106 19.03 -10.63 -3.58
N GLY G 107 19.30 -9.43 -4.09
CA GLY G 107 19.38 -9.26 -5.52
C GLY G 107 18.00 -9.26 -6.16
N VAL G 108 17.98 -9.63 -7.44
CA VAL G 108 16.75 -9.73 -8.21
C VAL G 108 16.72 -11.07 -8.92
N LEU G 109 15.57 -11.38 -9.50
CA LEU G 109 15.45 -12.57 -10.34
C LEU G 109 16.16 -12.33 -11.66
N PRO G 110 17.04 -13.23 -12.10
CA PRO G 110 17.64 -13.09 -13.44
C PRO G 110 16.60 -13.28 -14.53
N ASN G 111 16.77 -12.54 -15.62
CA ASN G 111 15.84 -12.63 -16.73
C ASN G 111 16.09 -13.90 -17.53
N ILE G 112 15.10 -14.27 -18.33
CA ILE G 112 15.19 -15.46 -19.17
C ILE G 112 15.97 -15.13 -20.43
N GLN G 113 15.53 -14.08 -21.13
CA GLN G 113 16.20 -13.64 -22.35
C GLN G 113 16.00 -12.14 -22.57
N ARG H 32 25.11 -6.61 27.24
CA ARG H 32 24.35 -7.85 27.12
C ARG H 32 23.01 -7.74 27.84
N SER H 33 21.91 -7.88 27.08
CA SER H 33 20.58 -7.79 27.68
C SER H 33 19.62 -8.84 27.12
N ARG H 34 20.15 -9.98 26.66
CA ARG H 34 19.39 -11.17 26.26
C ARG H 34 18.39 -10.87 25.14
N LYS H 35 18.95 -10.61 23.95
CA LYS H 35 18.20 -10.07 22.82
C LYS H 35 17.07 -10.99 22.33
N GLU H 36 17.20 -12.30 22.53
CA GLU H 36 16.11 -13.28 22.43
C GLU H 36 15.53 -13.34 21.00
N SER H 37 16.30 -14.01 20.15
CA SER H 37 15.89 -14.23 18.77
C SER H 37 15.15 -15.56 18.62
N TYR H 38 14.83 -15.93 17.39
CA TYR H 38 14.22 -17.21 17.04
C TYR H 38 15.22 -18.19 16.45
N SER H 39 16.52 -17.98 16.73
CA SER H 39 17.58 -18.57 15.94
C SER H 39 17.69 -20.07 16.17
N ILE H 40 17.59 -20.52 17.41
CA ILE H 40 17.72 -21.94 17.71
C ILE H 40 16.54 -22.73 17.18
N TYR H 41 15.35 -22.13 17.17
CA TYR H 41 14.17 -22.80 16.65
C TYR H 41 14.22 -22.93 15.14
N VAL H 42 14.62 -21.85 14.46
CA VAL H 42 14.75 -21.89 13.01
C VAL H 42 15.86 -22.84 12.59
N TYR H 43 16.94 -22.91 13.38
CA TYR H 43 17.99 -23.89 13.12
C TYR H 43 17.51 -25.32 13.33
N LYS H 44 16.65 -25.55 14.33
CA LYS H 44 16.07 -26.87 14.53
C LYS H 44 15.21 -27.28 13.34
N VAL H 45 14.42 -26.34 12.82
CA VAL H 45 13.58 -26.61 11.66
C VAL H 45 14.44 -26.85 10.41
N LEU H 46 15.53 -26.09 10.27
CA LEU H 46 16.44 -26.28 9.14
C LEU H 46 17.13 -27.64 9.20
N LYS H 47 17.58 -28.06 10.37
CA LYS H 47 18.19 -29.37 10.51
C LYS H 47 17.16 -30.49 10.38
N GLN H 48 15.88 -30.19 10.59
CA GLN H 48 14.83 -31.16 10.33
C GLN H 48 14.57 -31.34 8.84
N VAL H 49 14.53 -30.25 8.07
CA VAL H 49 14.12 -30.36 6.66
C VAL H 49 15.33 -30.53 5.73
N HIS H 50 16.53 -30.25 6.21
CA HIS H 50 17.76 -30.33 5.42
C HIS H 50 18.87 -30.67 6.40
N PRO H 51 19.15 -31.95 6.62
CA PRO H 51 20.07 -32.35 7.69
C PRO H 51 21.53 -31.97 7.45
N ASP H 52 21.93 -31.69 6.22
CA ASP H 52 23.30 -31.38 5.90
C ASP H 52 23.53 -29.93 5.50
N THR H 53 22.48 -29.11 5.47
CA THR H 53 22.57 -27.75 4.95
C THR H 53 22.61 -26.74 6.11
N GLY H 54 23.63 -25.89 6.10
CA GLY H 54 23.77 -24.84 7.07
C GLY H 54 23.13 -23.53 6.63
N ILE H 55 23.30 -22.50 7.46
CA ILE H 55 22.73 -21.19 7.20
C ILE H 55 23.73 -20.13 7.66
N SER H 56 23.76 -19.01 6.96
CA SER H 56 24.61 -17.89 7.31
C SER H 56 23.90 -16.99 8.32
N SER H 57 24.66 -16.05 8.89
CA SER H 57 24.11 -15.18 9.92
C SER H 57 23.16 -14.14 9.31
N LYS H 58 23.42 -13.70 8.08
CA LYS H 58 22.54 -12.73 7.45
C LYS H 58 21.21 -13.37 7.07
N ALA H 59 21.24 -14.58 6.53
CA ALA H 59 20.01 -15.32 6.27
C ALA H 59 19.29 -15.68 7.56
N MET H 60 20.06 -15.90 8.63
CA MET H 60 19.51 -16.12 9.96
C MET H 60 18.72 -14.90 10.45
N GLY H 61 19.30 -13.71 10.29
CA GLY H 61 18.60 -12.50 10.67
C GLY H 61 17.38 -12.21 9.81
N ILE H 62 17.46 -12.58 8.53
CA ILE H 62 16.32 -12.40 7.63
C ILE H 62 15.18 -13.33 8.01
N MET H 63 15.49 -14.56 8.39
CA MET H 63 14.44 -15.47 8.86
C MET H 63 13.86 -15.01 10.19
N ASN H 64 14.70 -14.42 11.05
CA ASN H 64 14.19 -13.84 12.30
C ASN H 64 13.20 -12.71 12.04
N SER H 65 13.54 -11.83 11.09
CA SER H 65 12.65 -10.73 10.71
C SER H 65 11.36 -11.26 10.10
N PHE H 66 11.45 -12.35 9.32
CA PHE H 66 10.28 -12.97 8.72
C PHE H 66 9.33 -13.52 9.79
N VAL H 67 9.88 -14.21 10.79
CA VAL H 67 9.05 -14.77 11.86
C VAL H 67 8.37 -13.66 12.65
N ASN H 68 9.11 -12.60 12.97
CA ASN H 68 8.53 -11.48 13.72
C ASN H 68 7.45 -10.76 12.93
N ASP H 69 7.66 -10.61 11.62
CA ASP H 69 6.70 -9.89 10.79
C ASP H 69 5.41 -10.70 10.67
N ILE H 70 5.52 -12.01 10.43
CA ILE H 70 4.32 -12.82 10.26
C ILE H 70 3.57 -12.97 11.59
N PHE H 71 4.30 -13.06 12.70
CA PHE H 71 3.68 -13.07 14.03
C PHE H 71 2.91 -11.79 14.28
N GLU H 72 3.49 -10.64 13.93
CA GLU H 72 2.81 -9.36 14.12
C GLU H 72 1.58 -9.24 13.25
N ARG H 73 1.65 -9.73 12.00
CA ARG H 73 0.51 -9.65 11.09
C ARG H 73 -0.66 -10.49 11.58
N ILE H 74 -0.40 -11.76 11.92
CA ILE H 74 -1.48 -12.65 12.33
C ILE H 74 -2.03 -12.26 13.70
N ALA H 75 -1.17 -11.78 14.61
CA ALA H 75 -1.64 -11.32 15.91
C ALA H 75 -2.49 -10.05 15.79
N GLY H 76 -2.10 -9.13 14.89
CA GLY H 76 -2.90 -7.94 14.68
C GLY H 76 -4.24 -8.22 14.05
N GLU H 77 -4.28 -9.15 13.08
CA GLU H 77 -5.54 -9.52 12.47
C GLU H 77 -6.46 -10.25 13.45
N ALA H 78 -5.88 -11.10 14.31
CA ALA H 78 -6.67 -11.80 15.32
C ALA H 78 -7.23 -10.83 16.35
N SER H 79 -6.42 -9.86 16.78
CA SER H 79 -6.89 -8.84 17.72
C SER H 79 -7.97 -7.99 17.11
N ARG H 80 -7.85 -7.66 15.82
CA ARG H 80 -8.88 -6.90 15.13
C ARG H 80 -10.18 -7.69 15.02
N LEU H 81 -10.08 -8.99 14.76
CA LEU H 81 -11.27 -9.85 14.69
C LEU H 81 -11.97 -9.93 16.04
N ALA H 82 -11.19 -10.09 17.11
CA ALA H 82 -11.77 -10.14 18.45
C ALA H 82 -12.40 -8.81 18.84
N HIS H 83 -11.83 -7.70 18.35
CA HIS H 83 -12.45 -6.41 18.61
C HIS H 83 -13.73 -6.22 17.81
N TYR H 84 -13.77 -6.74 16.58
CA TYR H 84 -14.97 -6.58 15.75
C TYR H 84 -16.14 -7.40 16.29
N ASN H 85 -15.85 -8.60 16.78
CA ASN H 85 -16.93 -9.46 17.26
C ASN H 85 -17.21 -9.27 18.75
N LYS H 86 -16.68 -8.20 19.34
CA LYS H 86 -16.90 -7.81 20.74
C LYS H 86 -16.47 -8.91 21.72
N ARG H 87 -15.43 -9.63 21.36
CA ARG H 87 -14.81 -10.63 22.23
C ARG H 87 -13.61 -10.01 22.94
N SER H 88 -13.28 -10.58 24.09
CA SER H 88 -12.13 -10.10 24.84
C SER H 88 -10.96 -11.09 24.80
N THR H 89 -11.13 -12.25 24.17
CA THR H 89 -10.09 -13.27 24.15
C THR H 89 -9.70 -13.59 22.72
N ILE H 90 -8.45 -14.00 22.54
CA ILE H 90 -7.94 -14.50 21.26
C ILE H 90 -7.84 -16.01 21.39
N THR H 91 -8.50 -16.73 20.49
CA THR H 91 -8.47 -18.18 20.51
C THR H 91 -7.99 -18.71 19.17
N SER H 92 -8.00 -20.04 19.07
CA SER H 92 -7.54 -20.70 17.84
C SER H 92 -8.47 -20.42 16.68
N ARG H 93 -9.75 -20.11 16.95
CA ARG H 93 -10.65 -19.67 15.89
C ARG H 93 -10.22 -18.32 15.30
N GLU H 94 -9.82 -17.38 16.15
CA GLU H 94 -9.32 -16.10 15.67
C GLU H 94 -8.01 -16.26 14.93
N ILE H 95 -7.12 -17.12 15.42
CA ILE H 95 -5.86 -17.38 14.74
C ILE H 95 -6.10 -18.03 13.37
N GLN H 96 -7.06 -18.97 13.31
CA GLN H 96 -7.38 -19.65 12.06
C GLN H 96 -8.00 -18.69 11.04
N THR H 97 -8.89 -17.80 11.49
CA THR H 97 -9.48 -16.83 10.58
C THR H 97 -8.44 -15.82 10.09
N ALA H 98 -7.52 -15.41 10.97
CA ALA H 98 -6.44 -14.52 10.55
C ALA H 98 -5.50 -15.20 9.55
N VAL H 99 -5.24 -16.49 9.74
CA VAL H 99 -4.42 -17.25 8.79
C VAL H 99 -5.12 -17.35 7.44
N ARG H 100 -6.44 -17.57 7.46
CA ARG H 100 -7.21 -17.60 6.22
C ARG H 100 -7.22 -16.25 5.52
N LEU H 101 -7.24 -15.15 6.29
CA LEU H 101 -7.25 -13.83 5.67
C LEU H 101 -5.89 -13.44 5.10
N LEU H 102 -4.79 -13.76 5.79
CA LEU H 102 -3.48 -13.30 5.35
C LEU H 102 -2.73 -14.27 4.45
N LEU H 103 -2.87 -15.58 4.62
CA LEU H 103 -2.02 -16.37 3.74
C LEU H 103 -2.76 -16.70 2.44
N PRO H 104 -2.08 -16.61 1.30
CA PRO H 104 -2.77 -16.78 0.02
C PRO H 104 -2.80 -18.22 -0.47
N GLY H 105 -3.99 -18.69 -0.86
CA GLY H 105 -4.08 -19.92 -1.63
C GLY H 105 -3.89 -21.16 -0.79
N GLU H 106 -3.01 -22.05 -1.25
CA GLU H 106 -2.79 -23.32 -0.59
C GLU H 106 -1.94 -23.18 0.67
N LEU H 107 -1.26 -22.04 0.82
CA LEU H 107 -0.52 -21.75 2.05
C LEU H 107 -1.44 -21.71 3.25
N ALA H 108 -2.60 -21.07 3.09
CA ALA H 108 -3.58 -20.99 4.18
C ALA H 108 -4.15 -22.36 4.51
N LYS H 109 -4.37 -23.20 3.49
CA LYS H 109 -4.92 -24.53 3.71
C LYS H 109 -3.94 -25.41 4.48
N HIS H 110 -2.67 -25.40 4.08
CA HIS H 110 -1.68 -26.23 4.78
C HIS H 110 -1.36 -25.69 6.17
N ALA H 111 -1.39 -24.36 6.34
CA ALA H 111 -1.16 -23.79 7.65
C ALA H 111 -2.32 -24.06 8.60
N VAL H 112 -3.55 -24.06 8.07
CA VAL H 112 -4.72 -24.43 8.87
C VAL H 112 -4.63 -25.90 9.27
N SER H 113 -4.14 -26.76 8.37
CA SER H 113 -3.95 -28.17 8.69
C SER H 113 -2.91 -28.37 9.80
N GLU H 114 -1.79 -27.66 9.72
CA GLU H 114 -0.77 -27.74 10.77
C GLU H 114 -1.26 -27.18 12.11
N GLY H 115 -1.96 -26.05 12.09
CA GLY H 115 -2.48 -25.49 13.33
C GLY H 115 -3.52 -26.38 13.98
N THR H 116 -4.41 -26.96 13.18
CA THR H 116 -5.43 -27.87 13.69
C THR H 116 -4.80 -29.14 14.26
N LYS H 117 -3.78 -29.68 13.57
CA LYS H 117 -3.11 -30.88 14.04
C LYS H 117 -2.38 -30.63 15.35
N ALA H 118 -1.71 -29.48 15.47
CA ALA H 118 -0.98 -29.17 16.70
C ALA H 118 -1.93 -28.90 17.86
N VAL H 119 -3.05 -28.24 17.60
CA VAL H 119 -4.01 -27.97 18.67
C VAL H 119 -4.68 -29.26 19.14
N THR H 120 -4.99 -30.17 18.20
CA THR H 120 -5.55 -31.47 18.57
C THR H 120 -4.55 -32.31 19.36
N LYS H 121 -3.28 -32.29 18.96
CA LYS H 121 -2.25 -33.03 19.68
C LYS H 121 -2.02 -32.46 21.08
N TYR H 122 -2.07 -31.13 21.22
CA TYR H 122 -1.90 -30.50 22.52
C TYR H 122 -3.09 -30.77 23.43
N THR H 123 -4.31 -30.80 22.86
CA THR H 123 -5.49 -31.14 23.64
C THR H 123 -5.44 -32.58 24.11
N SER H 124 -4.95 -33.48 23.26
CA SER H 124 -4.75 -34.87 23.66
C SER H 124 -3.61 -35.06 24.66
N SER H 125 -2.78 -34.03 24.87
CA SER H 125 -1.67 -34.01 25.83
C SER H 125 -0.65 -35.11 25.60
N GLU K 21 -15.79 -27.88 -9.87
CA GLU K 21 -15.35 -26.56 -10.32
C GLU K 21 -14.03 -26.66 -11.05
N VAL K 22 -13.05 -27.29 -10.43
CA VAL K 22 -11.73 -27.42 -11.03
C VAL K 22 -11.75 -28.56 -12.03
N GLN K 23 -11.48 -28.25 -13.29
CA GLN K 23 -11.43 -29.27 -14.34
C GLN K 23 -10.28 -28.96 -15.28
N LEU K 24 -9.71 -30.02 -15.86
CA LEU K 24 -8.57 -29.91 -16.76
C LEU K 24 -8.95 -30.58 -18.07
N GLN K 25 -9.46 -29.80 -19.02
CA GLN K 25 -9.92 -30.35 -20.29
C GLN K 25 -8.74 -30.72 -21.19
N GLN K 26 -8.98 -31.67 -22.08
CA GLN K 26 -7.96 -32.15 -22.99
C GLN K 26 -8.61 -32.47 -24.34
N SER K 27 -7.81 -33.03 -25.24
CA SER K 27 -8.25 -33.32 -26.60
C SER K 27 -8.70 -34.77 -26.73
N GLY K 28 -9.01 -35.16 -27.96
CA GLY K 28 -9.41 -36.52 -28.25
C GLY K 28 -8.22 -37.41 -28.55
N PRO K 29 -8.49 -38.67 -28.90
CA PRO K 29 -7.39 -39.58 -29.27
C PRO K 29 -6.73 -39.17 -30.58
N GLU K 30 -5.43 -39.45 -30.69
CA GLU K 30 -4.63 -39.05 -31.84
C GLU K 30 -4.02 -40.29 -32.48
N LEU K 31 -4.48 -40.64 -33.68
CA LEU K 31 -3.85 -41.68 -34.47
C LEU K 31 -2.75 -41.06 -35.32
N VAL K 32 -1.50 -41.28 -34.92
CA VAL K 32 -0.35 -40.55 -35.46
C VAL K 32 0.65 -41.54 -36.03
N GLU K 33 1.12 -41.27 -37.25
CA GLU K 33 2.17 -42.04 -37.91
C GLU K 33 3.51 -41.83 -37.19
N PRO K 34 4.44 -42.78 -37.27
CA PRO K 34 5.74 -42.56 -36.62
C PRO K 34 6.56 -41.48 -37.30
N GLY K 35 7.40 -40.82 -36.51
CA GLY K 35 8.40 -39.88 -37.00
C GLY K 35 8.02 -38.41 -36.94
N THR K 36 6.73 -38.08 -36.82
CA THR K 36 6.30 -36.70 -36.78
C THR K 36 6.11 -36.24 -35.34
N SER K 37 5.49 -35.07 -35.17
CA SER K 37 5.30 -34.46 -33.86
C SER K 37 3.81 -34.23 -33.59
N VAL K 38 3.46 -34.19 -32.31
CA VAL K 38 2.07 -34.02 -31.88
C VAL K 38 2.04 -33.01 -30.73
N LYS K 39 0.98 -32.21 -30.69
CA LYS K 39 0.74 -31.24 -29.62
C LYS K 39 -0.62 -31.51 -28.99
N MET K 40 -0.64 -31.66 -27.66
CA MET K 40 -1.89 -31.82 -26.97
C MET K 40 -2.07 -30.73 -25.92
N PRO K 41 -3.27 -30.16 -25.80
CA PRO K 41 -3.50 -29.10 -24.83
C PRO K 41 -4.00 -29.63 -23.49
N CYS K 42 -3.87 -28.77 -22.48
CA CYS K 42 -4.36 -28.99 -21.12
C CYS K 42 -5.06 -27.74 -20.63
N LYS K 43 -6.05 -27.28 -21.41
CA LYS K 43 -6.85 -26.12 -21.02
C LYS K 43 -7.55 -26.34 -19.69
N ALA K 44 -7.23 -25.47 -18.73
CA ALA K 44 -7.68 -25.62 -17.35
C ALA K 44 -8.50 -24.40 -16.94
N SER K 45 -9.41 -24.62 -16.01
CA SER K 45 -10.31 -23.56 -15.58
C SER K 45 -10.79 -23.86 -14.16
N GLY K 46 -11.36 -22.85 -13.52
CA GLY K 46 -11.89 -22.99 -12.19
C GLY K 46 -10.96 -22.61 -11.07
N TYR K 47 -9.78 -22.08 -11.38
CA TYR K 47 -8.81 -21.70 -10.36
C TYR K 47 -7.87 -20.66 -10.95
N THR K 48 -7.06 -20.06 -10.08
CA THR K 48 -6.05 -19.11 -10.52
C THR K 48 -4.94 -19.88 -11.23
N PHE K 49 -4.81 -19.66 -12.55
CA PHE K 49 -4.06 -20.55 -13.41
C PHE K 49 -2.57 -20.49 -13.15
N THR K 50 -2.03 -19.33 -12.79
CA THR K 50 -0.61 -19.17 -12.58
C THR K 50 -0.11 -19.76 -11.26
N SER K 51 -1.00 -19.97 -10.29
CA SER K 51 -0.58 -20.39 -8.96
C SER K 51 -0.27 -21.87 -8.84
N TYR K 52 -0.59 -22.66 -9.86
CA TYR K 52 -0.49 -24.11 -9.77
C TYR K 52 0.31 -24.65 -10.94
N THR K 53 1.26 -25.53 -10.66
CA THR K 53 1.99 -26.21 -11.71
C THR K 53 1.12 -27.26 -12.37
N ILE K 54 1.44 -27.57 -13.62
CA ILE K 54 0.75 -28.60 -14.39
C ILE K 54 1.75 -29.70 -14.70
N GLN K 55 1.59 -30.84 -14.06
CA GLN K 55 2.46 -31.98 -14.25
C GLN K 55 1.90 -32.89 -15.34
N TRP K 56 2.79 -33.61 -16.02
CA TRP K 56 2.41 -34.50 -17.11
C TRP K 56 2.87 -35.92 -16.81
N VAL K 57 1.95 -36.87 -16.94
CA VAL K 57 2.20 -38.27 -16.60
C VAL K 57 1.74 -39.13 -17.77
N LYS K 58 2.63 -40.00 -18.24
CA LYS K 58 2.30 -40.99 -19.27
C LYS K 58 1.92 -42.29 -18.58
N GLN K 59 1.13 -43.12 -19.27
CA GLN K 59 0.69 -44.39 -18.73
C GLN K 59 0.66 -45.43 -19.83
N THR K 60 1.54 -46.42 -19.73
CA THR K 60 1.51 -47.59 -20.59
C THR K 60 1.14 -48.82 -19.76
N PRO K 61 0.49 -49.81 -20.35
CA PRO K 61 0.29 -51.08 -19.62
C PRO K 61 1.58 -51.80 -19.30
N ARG K 62 2.65 -51.55 -20.06
CA ARG K 62 3.91 -52.27 -19.86
C ARG K 62 4.65 -51.74 -18.63
N GLN K 63 4.70 -50.42 -18.45
CA GLN K 63 5.48 -49.83 -17.36
C GLN K 63 4.63 -49.04 -16.36
N GLY K 64 3.32 -49.05 -16.48
CA GLY K 64 2.50 -48.32 -15.53
C GLY K 64 2.56 -46.82 -15.75
N LEU K 65 2.34 -46.08 -14.67
CA LEU K 65 2.41 -44.62 -14.72
C LEU K 65 3.86 -44.16 -14.66
N GLU K 66 4.17 -43.12 -15.42
CA GLU K 66 5.51 -42.54 -15.45
C GLU K 66 5.40 -41.03 -15.56
N TRP K 67 6.11 -40.34 -14.67
CA TRP K 67 6.08 -38.89 -14.59
C TRP K 67 7.07 -38.31 -15.60
N ILE K 68 6.58 -37.37 -16.41
CA ILE K 68 7.39 -36.80 -17.49
C ILE K 68 8.00 -35.49 -17.04
N GLY K 69 7.17 -34.55 -16.63
CA GLY K 69 7.67 -33.26 -16.21
C GLY K 69 6.53 -32.34 -15.86
N TYR K 70 6.88 -31.08 -15.59
CA TYR K 70 5.87 -30.09 -15.27
C TYR K 70 6.27 -28.73 -15.80
N ILE K 71 5.26 -27.88 -15.93
CA ILE K 71 5.38 -26.47 -16.26
C ILE K 71 4.87 -25.66 -15.08
N TYR K 72 5.50 -24.53 -14.81
CA TYR K 72 4.96 -23.58 -13.85
C TYR K 72 4.50 -22.37 -14.62
N PRO K 73 3.19 -22.12 -14.73
CA PRO K 73 2.72 -20.99 -15.56
C PRO K 73 3.01 -19.62 -15.00
N TYR K 74 3.49 -19.50 -13.76
CA TYR K 74 3.83 -18.18 -13.22
C TYR K 74 5.12 -17.64 -13.80
N ASN K 75 6.14 -18.48 -13.98
CA ASN K 75 7.43 -18.01 -14.46
C ASN K 75 7.98 -18.82 -15.62
N ALA K 76 7.15 -19.65 -16.27
CA ALA K 76 7.55 -20.60 -17.31
C ALA K 76 8.67 -21.51 -16.84
N GLY K 77 8.63 -21.89 -15.57
CA GLY K 77 9.64 -22.76 -14.99
C GLY K 77 9.33 -24.21 -15.30
N THR K 78 10.35 -24.93 -15.75
CA THR K 78 10.16 -26.26 -16.29
C THR K 78 11.17 -27.21 -15.67
N LYS K 79 10.74 -28.45 -15.44
CA LYS K 79 11.64 -29.51 -15.03
C LYS K 79 11.13 -30.80 -15.65
N TYR K 80 12.03 -31.58 -16.23
CA TYR K 80 11.67 -32.81 -16.91
C TYR K 80 12.26 -34.02 -16.18
N ASN K 81 11.77 -35.19 -16.56
CA ASN K 81 12.42 -36.44 -16.17
C ASN K 81 13.76 -36.54 -16.90
N GLU K 82 14.67 -37.34 -16.34
CA GLU K 82 15.99 -37.49 -16.94
C GLU K 82 15.89 -38.22 -18.28
N LYS K 83 14.99 -39.19 -18.39
CA LYS K 83 14.80 -39.96 -19.61
C LYS K 83 13.90 -39.28 -20.63
N PHE K 84 13.44 -38.05 -20.36
CA PHE K 84 12.46 -37.41 -21.22
C PHE K 84 12.91 -36.07 -21.80
N LYS K 85 14.15 -35.63 -21.57
CA LYS K 85 14.62 -34.44 -22.28
C LYS K 85 14.83 -34.74 -23.75
N GLY K 86 14.44 -33.80 -24.60
CA GLY K 86 14.46 -34.01 -26.05
C GLY K 86 13.19 -34.63 -26.57
N LYS K 87 12.69 -35.67 -25.89
CA LYS K 87 11.45 -36.30 -26.29
C LYS K 87 10.26 -35.39 -26.00
N ALA K 88 10.30 -34.67 -24.89
CA ALA K 88 9.19 -33.86 -24.44
C ALA K 88 9.56 -32.38 -24.43
N THR K 89 8.56 -31.53 -24.65
CA THR K 89 8.75 -30.09 -24.63
C THR K 89 7.46 -29.45 -24.10
N LEU K 90 7.58 -28.65 -23.05
CA LEU K 90 6.43 -28.08 -22.38
C LEU K 90 6.41 -26.56 -22.56
N THR K 91 5.29 -26.04 -23.02
CA THR K 91 5.10 -24.61 -23.17
C THR K 91 3.76 -24.22 -22.54
N SER K 92 3.68 -22.97 -22.11
CA SER K 92 2.49 -22.45 -21.46
C SER K 92 2.01 -21.20 -22.19
N ASP K 93 0.70 -20.99 -22.17
CA ASP K 93 0.09 -19.82 -22.80
C ASP K 93 -0.87 -19.27 -21.75
N LYS K 94 -0.53 -18.10 -21.20
CA LYS K 94 -1.28 -17.54 -20.08
C LYS K 94 -2.60 -16.91 -20.51
N SER K 95 -2.75 -16.59 -21.79
CA SER K 95 -3.95 -15.89 -22.24
C SER K 95 -5.17 -16.80 -22.25
N SER K 96 -5.01 -18.02 -22.77
CA SER K 96 -6.12 -18.96 -22.86
C SER K 96 -6.10 -20.00 -21.76
N SER K 97 -5.20 -19.86 -20.78
CA SER K 97 -5.02 -20.78 -19.65
C SER K 97 -4.76 -22.21 -20.11
N THR K 98 -3.91 -22.35 -21.12
CA THR K 98 -3.69 -23.62 -21.79
C THR K 98 -2.23 -24.02 -21.69
N VAL K 99 -1.99 -25.30 -21.46
CA VAL K 99 -0.65 -25.86 -21.34
C VAL K 99 -0.50 -26.91 -22.44
N TYR K 100 0.56 -26.77 -23.24
CA TYR K 100 0.80 -27.66 -24.37
C TYR K 100 1.98 -28.57 -24.11
N MET K 101 2.04 -29.67 -24.87
CA MET K 101 3.10 -30.65 -24.78
C MET K 101 3.43 -31.17 -26.17
N GLU K 102 4.71 -31.13 -26.53
CA GLU K 102 5.18 -31.63 -27.82
C GLU K 102 6.00 -32.90 -27.62
N LEU K 103 5.70 -33.92 -28.42
CA LEU K 103 6.54 -35.11 -28.50
C LEU K 103 7.21 -35.15 -29.87
N SER K 104 8.54 -35.17 -29.87
CA SER K 104 9.32 -35.10 -31.10
C SER K 104 9.99 -36.43 -31.37
N SER K 105 10.10 -36.77 -32.67
CA SER K 105 10.61 -38.05 -33.18
C SER K 105 9.91 -39.24 -32.50
N LEU K 106 8.61 -39.36 -32.78
CA LEU K 106 7.76 -40.34 -32.13
C LEU K 106 8.15 -41.77 -32.49
N THR K 107 8.76 -42.47 -31.54
CA THR K 107 9.16 -43.86 -31.67
C THR K 107 7.92 -44.74 -31.50
N SER K 108 8.05 -46.02 -31.87
CA SER K 108 6.95 -46.96 -31.75
C SER K 108 6.55 -47.20 -30.29
N GLU K 109 7.50 -47.10 -29.36
CA GLU K 109 7.17 -47.25 -27.95
C GLU K 109 6.82 -45.92 -27.29
N ASP K 110 5.99 -45.14 -27.97
CA ASP K 110 5.39 -43.94 -27.40
C ASP K 110 3.87 -44.02 -27.36
N SER K 111 3.29 -45.18 -27.66
CA SER K 111 1.84 -45.35 -27.66
C SER K 111 1.37 -45.49 -26.22
N ALA K 112 0.72 -44.45 -25.71
CA ALA K 112 0.29 -44.41 -24.32
C ALA K 112 -0.87 -43.44 -24.19
N VAL K 113 -1.38 -43.31 -22.98
CA VAL K 113 -2.38 -42.30 -22.64
C VAL K 113 -1.67 -41.27 -21.78
N TYR K 114 -1.72 -40.01 -22.22
CA TYR K 114 -0.96 -38.94 -21.58
C TYR K 114 -1.90 -38.09 -20.74
N TYR K 115 -1.63 -38.03 -19.44
CA TYR K 115 -2.42 -37.26 -18.50
C TYR K 115 -1.71 -35.96 -18.16
N CYS K 116 -2.48 -34.90 -17.95
CA CYS K 116 -1.98 -33.68 -17.34
C CYS K 116 -2.66 -33.51 -16.00
N ALA K 117 -1.88 -33.15 -14.98
CA ALA K 117 -2.40 -33.06 -13.63
C ALA K 117 -1.96 -31.75 -13.00
N ARG K 118 -2.88 -31.12 -12.29
CA ARG K 118 -2.61 -29.90 -11.55
C ARG K 118 -1.89 -30.24 -10.26
N LYS K 119 -0.95 -29.38 -9.85
CA LYS K 119 -0.28 -29.53 -8.58
C LYS K 119 0.14 -28.15 -8.09
N SER K 120 -0.13 -27.85 -6.82
CA SER K 120 0.32 -26.61 -6.25
C SER K 120 1.84 -26.60 -6.09
N SER K 121 2.39 -25.39 -6.01
CA SER K 121 3.83 -25.23 -5.85
C SER K 121 4.30 -25.57 -4.45
N ARG K 122 3.39 -25.77 -3.50
CA ARG K 122 3.77 -26.23 -2.17
C ARG K 122 4.29 -27.65 -2.23
N LEU K 123 5.30 -27.93 -1.42
CA LEU K 123 5.94 -29.24 -1.43
C LEU K 123 5.03 -30.32 -0.86
N ARG K 124 4.18 -29.95 0.09
CA ARG K 124 3.23 -30.87 0.69
C ARG K 124 2.15 -31.30 -0.30
N SER K 125 1.70 -30.38 -1.15
CA SER K 125 0.61 -30.64 -2.07
C SER K 125 1.02 -31.62 -3.16
N THR K 126 0.01 -32.20 -3.80
CA THR K 126 0.22 -33.31 -4.71
C THR K 126 -0.51 -33.05 -6.01
N LEU K 127 -0.47 -34.04 -6.91
CA LEU K 127 -1.26 -34.02 -8.13
C LEU K 127 -2.70 -34.30 -7.74
N ASP K 128 -3.49 -33.25 -7.51
CA ASP K 128 -4.84 -33.46 -6.97
C ASP K 128 -5.88 -33.66 -8.06
N TYR K 129 -5.87 -32.84 -9.11
CA TYR K 129 -6.86 -32.93 -10.18
C TYR K 129 -6.16 -33.30 -11.48
N TRP K 130 -6.75 -34.25 -12.20
CA TRP K 130 -6.16 -34.80 -13.41
C TRP K 130 -7.05 -34.50 -14.61
N GLY K 131 -6.45 -34.57 -15.80
CA GLY K 131 -7.21 -34.55 -17.02
C GLY K 131 -7.73 -35.93 -17.38
N GLN K 132 -8.55 -35.99 -18.43
CA GLN K 132 -9.16 -37.26 -18.79
C GLN K 132 -8.19 -38.21 -19.48
N GLY K 133 -7.12 -37.69 -20.08
CA GLY K 133 -6.17 -38.52 -20.78
C GLY K 133 -6.39 -38.52 -22.28
N THR K 134 -5.33 -38.29 -23.04
CA THR K 134 -5.38 -38.36 -24.50
C THR K 134 -4.61 -39.59 -24.95
N SER K 135 -5.27 -40.45 -25.71
CA SER K 135 -4.67 -41.69 -26.19
C SER K 135 -3.95 -41.40 -27.50
N VAL K 136 -2.62 -41.35 -27.47
CA VAL K 136 -1.81 -41.12 -28.64
C VAL K 136 -1.16 -42.45 -29.02
N THR K 137 -1.46 -42.93 -30.22
CA THR K 137 -0.94 -44.20 -30.73
C THR K 137 0.01 -43.93 -31.87
N VAL K 138 1.14 -44.63 -31.89
CA VAL K 138 2.12 -44.51 -32.96
C VAL K 138 1.95 -45.70 -33.89
N SER K 139 1.68 -45.43 -35.17
CA SER K 139 1.48 -46.48 -36.15
C SER K 139 2.79 -47.17 -36.51
N ASP K 157 17.53 -41.58 -8.30
CA ASP K 157 16.28 -42.21 -8.69
C ASP K 157 15.79 -43.15 -7.60
N ILE K 158 14.50 -43.07 -7.28
CA ILE K 158 13.89 -43.88 -6.23
C ILE K 158 12.94 -44.87 -6.89
N LYS K 159 13.10 -46.15 -6.56
CA LYS K 159 12.19 -47.20 -7.00
C LYS K 159 11.23 -47.50 -5.86
N MET K 160 9.94 -47.48 -6.14
CA MET K 160 8.93 -47.65 -5.10
C MET K 160 8.20 -48.96 -5.35
N THR K 161 8.19 -49.83 -4.33
CA THR K 161 7.73 -51.20 -4.46
C THR K 161 6.38 -51.35 -3.75
N GLN K 162 5.39 -51.84 -4.46
CA GLN K 162 4.09 -52.17 -3.89
C GLN K 162 4.05 -53.67 -3.64
N SER K 163 4.02 -54.05 -2.36
CA SER K 163 4.13 -55.47 -1.99
C SER K 163 2.96 -56.34 -2.47
N PRO K 164 1.65 -55.93 -2.39
CA PRO K 164 0.65 -56.77 -3.05
C PRO K 164 0.44 -56.39 -4.51
N SER K 165 0.72 -57.33 -5.42
CA SER K 165 0.50 -57.06 -6.84
C SER K 165 -0.99 -57.06 -7.17
N SER K 166 -1.74 -58.00 -6.60
CA SER K 166 -3.19 -58.04 -6.74
C SER K 166 -3.77 -58.78 -5.56
N MET K 167 -4.90 -58.29 -5.05
CA MET K 167 -5.55 -58.90 -3.90
C MET K 167 -7.03 -59.14 -4.20
N HIS K 168 -7.60 -60.08 -3.45
CA HIS K 168 -9.03 -60.38 -3.50
C HIS K 168 -9.60 -60.19 -2.11
N ALA K 169 -10.79 -59.58 -2.05
CA ALA K 169 -11.46 -59.37 -0.77
C ALA K 169 -12.96 -59.34 -1.00
N SER K 170 -13.71 -59.68 0.03
CA SER K 170 -15.17 -59.63 -0.03
C SER K 170 -15.62 -58.25 0.42
N LEU K 171 -16.93 -58.13 0.71
CA LEU K 171 -17.58 -56.83 0.81
C LEU K 171 -17.18 -56.04 2.05
N GLY K 172 -16.94 -56.70 3.18
CA GLY K 172 -16.74 -55.94 4.40
C GLY K 172 -15.43 -56.17 5.13
N GLU K 173 -14.32 -56.29 4.40
CA GLU K 173 -13.06 -56.67 5.01
C GLU K 173 -12.12 -55.48 5.20
N ARG K 174 -11.02 -55.75 5.90
CA ARG K 174 -9.93 -54.84 6.17
C ARG K 174 -8.78 -55.17 5.21
N VAL K 175 -8.41 -54.20 4.38
CA VAL K 175 -7.37 -54.40 3.38
C VAL K 175 -6.25 -53.38 3.60
N THR K 176 -5.03 -53.77 3.20
CA THR K 176 -3.84 -52.97 3.45
C THR K 176 -2.86 -53.13 2.30
N ILE K 177 -2.44 -52.01 1.73
CA ILE K 177 -1.47 -51.98 0.63
C ILE K 177 -0.22 -51.26 1.13
N THR K 178 0.94 -51.85 0.85
CA THR K 178 2.23 -51.35 1.32
C THR K 178 3.00 -50.75 0.15
N CYS K 179 3.71 -49.65 0.40
CA CYS K 179 4.48 -48.91 -0.59
C CYS K 179 5.88 -48.59 -0.06
N LYS K 180 6.60 -49.64 0.34
CA LYS K 180 7.99 -49.53 0.78
C LYS K 180 8.86 -48.87 -0.29
N ALA K 181 9.68 -47.92 0.14
CA ALA K 181 10.47 -47.08 -0.74
C ALA K 181 11.93 -47.50 -0.75
N SER K 182 12.69 -46.90 -1.66
CA SER K 182 14.12 -47.19 -1.78
C SER K 182 14.95 -46.22 -0.94
N GLN K 183 14.79 -44.92 -1.16
CA GLN K 183 15.46 -43.89 -0.39
C GLN K 183 14.52 -43.35 0.68
N ASP K 184 14.96 -42.29 1.34
CA ASP K 184 14.16 -41.67 2.39
C ASP K 184 13.37 -40.54 1.74
N ILE K 185 12.07 -40.51 1.99
CA ILE K 185 11.22 -39.38 1.66
C ILE K 185 10.52 -38.94 2.94
N ARG K 186 10.55 -37.63 3.20
CA ARG K 186 10.01 -37.09 4.45
C ARG K 186 8.51 -36.88 4.28
N SER K 187 7.78 -37.99 4.31
CA SER K 187 6.32 -38.08 4.23
C SER K 187 5.73 -37.50 2.96
N TYR K 188 6.52 -37.37 1.90
CA TYR K 188 6.05 -36.78 0.65
C TYR K 188 5.51 -37.88 -0.26
N LEU K 189 4.42 -38.50 0.20
CA LEU K 189 3.85 -39.64 -0.52
C LEU K 189 2.36 -39.41 -0.72
N SER K 190 1.87 -39.75 -1.92
CA SER K 190 0.48 -39.65 -2.25
C SER K 190 -0.05 -41.02 -2.66
N TRP K 191 -1.36 -41.17 -2.60
CA TRP K 191 -2.05 -42.40 -3.00
C TRP K 191 -3.15 -42.07 -4.00
N TYR K 192 -3.33 -42.95 -4.98
CA TYR K 192 -4.28 -42.72 -6.05
C TYR K 192 -5.11 -43.97 -6.31
N GLN K 193 -6.35 -43.75 -6.74
CA GLN K 193 -7.26 -44.81 -7.15
C GLN K 193 -7.64 -44.56 -8.60
N GLN K 194 -7.47 -45.56 -9.45
CA GLN K 194 -7.76 -45.43 -10.88
C GLN K 194 -8.76 -46.50 -11.29
N LYS K 195 -9.96 -46.07 -11.67
CA LYS K 195 -10.90 -46.95 -12.32
C LYS K 195 -10.36 -47.32 -13.71
N PRO K 196 -10.74 -48.49 -14.24
CA PRO K 196 -10.34 -48.85 -15.61
C PRO K 196 -10.94 -47.90 -16.63
N TRP K 197 -10.09 -47.46 -17.57
CA TRP K 197 -10.42 -46.45 -18.60
C TRP K 197 -10.93 -45.16 -17.97
N LYS K 198 -10.22 -44.68 -16.95
CA LYS K 198 -10.61 -43.45 -16.26
C LYS K 198 -9.37 -42.80 -15.68
N SER K 199 -9.48 -41.52 -15.36
CA SER K 199 -8.38 -40.79 -14.75
C SER K 199 -8.19 -41.22 -13.30
N PRO K 200 -6.96 -41.17 -12.80
CA PRO K 200 -6.74 -41.47 -11.38
C PRO K 200 -7.33 -40.40 -10.47
N LYS K 201 -7.68 -40.82 -9.26
CA LYS K 201 -8.30 -39.95 -8.27
C LYS K 201 -7.48 -39.97 -6.99
N THR K 202 -7.16 -38.79 -6.47
CA THR K 202 -6.35 -38.70 -5.26
C THR K 202 -7.15 -39.11 -4.03
N LEU K 203 -6.53 -39.91 -3.17
CA LEU K 203 -7.09 -40.27 -1.87
C LEU K 203 -6.29 -39.71 -0.71
N ILE K 204 -4.98 -39.94 -0.69
CA ILE K 204 -4.12 -39.56 0.40
C ILE K 204 -3.05 -38.62 -0.15
N TYR K 205 -2.78 -37.53 0.56
CA TYR K 205 -1.57 -36.74 0.32
C TYR K 205 -0.86 -36.53 1.64
N TYR K 206 0.45 -36.27 1.53
CA TYR K 206 1.38 -36.13 2.65
C TYR K 206 1.41 -37.37 3.55
N ALA K 207 1.13 -38.54 2.96
CA ALA K 207 1.19 -39.88 3.53
C ALA K 207 0.18 -40.17 4.64
N THR K 208 -0.56 -39.16 5.11
CA THR K 208 -1.60 -39.35 6.11
C THR K 208 -2.88 -38.58 5.84
N SER K 209 -2.86 -37.48 5.08
CA SER K 209 -3.99 -36.57 5.04
C SER K 209 -4.99 -36.97 3.96
N LEU K 210 -6.27 -36.90 4.31
CA LEU K 210 -7.33 -37.16 3.35
C LEU K 210 -7.39 -36.05 2.30
N ALA K 211 -7.72 -36.44 1.08
CA ALA K 211 -7.88 -35.47 0.02
C ALA K 211 -9.28 -34.84 0.07
N ASP K 212 -9.60 -34.04 -0.93
CA ASP K 212 -10.87 -33.32 -0.96
C ASP K 212 -11.99 -34.26 -1.38
N GLY K 213 -12.99 -34.43 -0.53
CA GLY K 213 -14.14 -35.24 -0.82
C GLY K 213 -13.95 -36.74 -0.60
N VAL K 214 -12.77 -37.16 -0.17
CA VAL K 214 -12.52 -38.58 0.07
C VAL K 214 -13.16 -38.97 1.39
N PRO K 215 -13.92 -40.06 1.44
CA PRO K 215 -14.51 -40.50 2.71
C PRO K 215 -13.44 -41.01 3.67
N SER K 216 -13.82 -41.07 4.94
CA SER K 216 -12.88 -41.39 6.02
C SER K 216 -12.56 -42.87 6.13
N ARG K 217 -13.09 -43.72 5.24
CA ARG K 217 -12.70 -45.13 5.23
C ARG K 217 -11.24 -45.28 4.83
N PHE K 218 -10.78 -44.49 3.87
CA PHE K 218 -9.39 -44.54 3.47
C PHE K 218 -8.50 -43.90 4.53
N SER K 219 -7.42 -44.57 4.88
CA SER K 219 -6.51 -44.08 5.91
C SER K 219 -5.09 -44.44 5.54
N GLY K 220 -4.23 -43.43 5.40
CA GLY K 220 -2.83 -43.64 5.13
C GLY K 220 -2.00 -43.50 6.39
N SER K 221 -0.84 -44.14 6.38
CA SER K 221 0.05 -44.12 7.54
C SER K 221 1.48 -44.37 7.06
N GLY K 222 2.42 -44.10 7.96
CA GLY K 222 3.81 -44.38 7.71
C GLY K 222 4.60 -43.13 7.34
N SER K 223 5.91 -43.20 7.57
CA SER K 223 6.82 -42.13 7.24
C SER K 223 8.20 -42.72 7.01
N GLY K 224 9.05 -41.96 6.32
CA GLY K 224 10.40 -42.41 6.05
C GLY K 224 10.48 -43.25 4.81
N GLN K 225 10.51 -44.58 4.96
CA GLN K 225 10.55 -45.50 3.84
C GLN K 225 9.37 -46.47 3.80
N ASP K 226 8.65 -46.64 4.91
CA ASP K 226 7.55 -47.60 4.99
C ASP K 226 6.23 -46.85 5.04
N PHE K 227 5.30 -47.24 4.17
CA PHE K 227 4.01 -46.58 4.06
C PHE K 227 2.91 -47.61 3.89
N SER K 228 1.69 -47.22 4.23
CA SER K 228 0.56 -48.13 4.16
C SER K 228 -0.71 -47.38 3.82
N LEU K 229 -1.53 -47.96 2.96
CA LEU K 229 -2.87 -47.46 2.66
C LEU K 229 -3.89 -48.49 3.13
N THR K 230 -4.85 -48.05 3.93
CA THR K 230 -5.85 -48.95 4.49
C THR K 230 -7.25 -48.45 4.14
N ILE K 231 -8.06 -49.33 3.57
CA ILE K 231 -9.45 -49.03 3.25
C ILE K 231 -10.31 -49.80 4.25
N ASN K 232 -11.26 -49.08 4.88
CA ASN K 232 -11.92 -49.58 6.09
C ASN K 232 -12.97 -50.63 5.75
N ASN K 233 -14.05 -50.22 5.08
CA ASN K 233 -15.09 -51.15 4.64
C ASN K 233 -15.34 -50.94 3.16
N LEU K 234 -15.45 -52.04 2.44
CA LEU K 234 -15.41 -51.98 0.98
C LEU K 234 -16.82 -51.91 0.40
N GLU K 235 -16.90 -51.42 -0.84
CA GLU K 235 -18.10 -51.51 -1.64
C GLU K 235 -17.72 -52.03 -3.02
N SER K 236 -18.70 -52.03 -3.92
CA SER K 236 -18.43 -52.47 -5.29
C SER K 236 -17.63 -51.44 -6.08
N ASP K 237 -17.62 -50.18 -5.63
CA ASP K 237 -16.92 -49.12 -6.33
C ASP K 237 -15.49 -48.89 -5.84
N ASP K 238 -14.95 -49.79 -5.00
CA ASP K 238 -13.52 -49.79 -4.70
C ASP K 238 -12.75 -50.76 -5.56
N THR K 239 -13.37 -51.37 -6.56
CA THR K 239 -12.66 -52.25 -7.49
C THR K 239 -11.87 -51.39 -8.46
N ALA K 240 -10.58 -51.21 -8.18
CA ALA K 240 -9.74 -50.32 -8.97
C ALA K 240 -8.29 -50.74 -8.78
N THR K 241 -7.39 -50.01 -9.43
CA THR K 241 -5.96 -50.18 -9.26
C THR K 241 -5.43 -49.02 -8.43
N TYR K 242 -4.64 -49.33 -7.40
CA TYR K 242 -4.18 -48.34 -6.44
C TYR K 242 -2.68 -48.12 -6.61
N TYR K 243 -2.30 -46.87 -6.82
CA TYR K 243 -0.91 -46.47 -7.01
C TYR K 243 -0.47 -45.58 -5.87
N CYS K 244 0.84 -45.58 -5.62
CA CYS K 244 1.46 -44.65 -4.69
C CYS K 244 2.51 -43.84 -5.42
N LEU K 245 2.54 -42.53 -5.16
CA LEU K 245 3.45 -41.62 -5.83
C LEU K 245 4.31 -40.92 -4.79
N GLN K 246 5.61 -40.84 -5.03
CA GLN K 246 6.50 -40.04 -4.22
C GLN K 246 6.83 -38.74 -4.92
N HIS K 247 7.02 -37.68 -4.16
CA HIS K 247 7.57 -36.44 -4.70
C HIS K 247 8.58 -35.86 -3.73
N GLY K 248 9.44 -36.71 -3.18
CA GLY K 248 10.50 -36.23 -2.31
C GLY K 248 11.75 -35.79 -3.03
N GLU K 249 12.06 -36.40 -4.17
CA GLU K 249 13.21 -36.01 -4.98
C GLU K 249 12.74 -35.67 -6.39
N SER K 250 13.69 -35.20 -7.20
CA SER K 250 13.35 -34.54 -8.47
C SER K 250 12.67 -35.44 -9.52
N PRO K 251 13.09 -36.72 -9.78
CA PRO K 251 12.23 -37.54 -10.64
C PRO K 251 11.14 -38.22 -9.83
N TYR K 252 9.90 -37.81 -10.06
CA TYR K 252 8.77 -38.39 -9.34
C TYR K 252 8.50 -39.78 -9.89
N THR K 253 8.37 -40.76 -9.00
CA THR K 253 8.19 -42.15 -9.44
C THR K 253 6.94 -42.72 -8.79
N PHE K 254 6.14 -43.41 -9.60
CA PHE K 254 4.92 -44.02 -9.14
C PHE K 254 5.18 -45.45 -8.64
N GLY K 255 4.14 -46.07 -8.10
CA GLY K 255 4.24 -47.46 -7.72
C GLY K 255 3.91 -48.40 -8.86
N SER K 256 4.04 -49.69 -8.59
CA SER K 256 3.74 -50.69 -9.61
C SER K 256 2.23 -50.82 -9.83
N GLY K 257 1.44 -50.54 -8.81
CA GLY K 257 0.00 -50.67 -8.89
C GLY K 257 -0.48 -51.91 -8.15
N THR K 258 -1.70 -51.80 -7.63
CA THR K 258 -2.30 -52.90 -6.88
C THR K 258 -3.74 -53.04 -7.34
N LYS K 259 -4.03 -54.09 -8.10
CA LYS K 259 -5.38 -54.34 -8.56
C LYS K 259 -6.18 -54.96 -7.41
N LEU K 260 -7.21 -54.25 -6.96
CA LEU K 260 -8.07 -54.72 -5.88
C LEU K 260 -9.40 -55.17 -6.47
N GLU K 261 -9.74 -56.43 -6.24
CA GLU K 261 -10.97 -57.03 -6.75
C GLU K 261 -11.92 -57.29 -5.59
N ILE K 262 -13.19 -56.93 -5.78
CA ILE K 262 -14.21 -57.04 -4.76
C ILE K 262 -15.19 -58.14 -5.16
N LYS K 263 -15.34 -59.14 -4.27
CA LYS K 263 -16.15 -60.37 -4.41
C LYS K 263 -16.17 -61.00 -5.81
N GLU L 21 16.34 28.93 4.54
CA GLU L 21 16.10 27.72 3.77
C GLU L 21 15.06 27.97 2.69
N VAL L 22 13.94 28.57 3.07
CA VAL L 22 12.88 28.88 2.12
C VAL L 22 13.15 30.25 1.51
N GLN L 23 13.30 30.28 0.18
CA GLN L 23 13.61 31.51 -0.54
C GLN L 23 12.66 31.67 -1.72
N LEU L 24 12.27 32.91 -1.98
CA LEU L 24 11.38 33.27 -3.09
C LEU L 24 12.11 34.32 -3.93
N GLN L 25 12.89 33.86 -4.90
CA GLN L 25 13.65 34.79 -5.73
C GLN L 25 12.75 35.45 -6.77
N GLN L 26 13.02 36.73 -7.02
CA GLN L 26 12.29 37.51 -8.00
C GLN L 26 13.27 38.17 -8.95
N SER L 27 12.75 39.06 -9.80
CA SER L 27 13.57 39.77 -10.77
C SER L 27 13.94 41.16 -10.24
N GLY L 28 14.62 41.92 -11.08
CA GLY L 28 15.03 43.26 -10.74
C GLY L 28 13.95 44.28 -11.04
N PRO L 29 14.29 45.57 -10.95
CA PRO L 29 13.33 46.61 -11.35
C PRO L 29 13.16 46.67 -12.85
N GLU L 30 11.92 46.78 -13.29
CA GLU L 30 11.56 46.89 -14.71
C GLU L 30 11.20 48.34 -15.02
N LEU L 31 12.02 49.01 -15.82
CA LEU L 31 11.66 50.29 -16.40
C LEU L 31 10.88 50.01 -17.69
N VAL L 32 9.57 50.25 -17.66
CA VAL L 32 8.69 49.80 -18.73
C VAL L 32 7.79 50.96 -19.17
N GLU L 33 7.73 51.18 -20.48
CA GLU L 33 6.88 52.22 -21.04
C GLU L 33 5.42 51.77 -21.00
N PRO L 34 4.47 52.72 -20.90
CA PRO L 34 3.04 52.35 -20.77
C PRO L 34 2.48 51.70 -22.02
N GLY L 35 1.42 50.91 -21.80
CA GLY L 35 0.72 50.23 -22.86
C GLY L 35 1.20 48.83 -23.18
N THR L 36 2.33 48.42 -22.61
CA THR L 36 2.91 47.12 -22.90
C THR L 36 2.48 46.11 -21.84
N SER L 37 3.12 44.94 -21.86
CA SER L 37 2.87 43.89 -20.89
C SER L 37 4.17 43.52 -20.20
N VAL L 38 4.07 43.11 -18.94
CA VAL L 38 5.23 42.77 -18.14
C VAL L 38 4.96 41.44 -17.44
N LYS L 39 5.98 40.58 -17.39
CA LYS L 39 5.90 39.31 -16.68
C LYS L 39 7.12 39.19 -15.79
N MET L 40 6.90 38.82 -14.52
CA MET L 40 7.96 38.67 -13.55
C MET L 40 7.88 37.29 -12.91
N PRO L 41 9.03 36.71 -12.56
CA PRO L 41 9.03 35.39 -11.94
C PRO L 41 9.05 35.43 -10.42
N CYS L 42 8.64 34.32 -9.82
CA CYS L 42 8.70 34.09 -8.38
C CYS L 42 9.25 32.69 -8.12
N LYS L 43 10.44 32.42 -8.67
CA LYS L 43 11.10 31.14 -8.48
C LYS L 43 11.34 30.84 -7.00
N ALA L 44 10.93 29.65 -6.60
CA ALA L 44 10.90 29.27 -5.19
C ALA L 44 11.78 28.05 -4.97
N SER L 45 12.35 27.96 -3.77
CA SER L 45 13.27 26.88 -3.44
C SER L 45 13.23 26.63 -1.95
N GLY L 46 13.71 25.46 -1.55
CA GLY L 46 13.80 25.10 -0.15
C GLY L 46 12.59 24.41 0.44
N TYR L 47 11.55 24.17 -0.35
CA TYR L 47 10.34 23.53 0.15
C TYR L 47 9.66 22.80 -0.99
N THR L 48 8.68 21.97 -0.65
CA THR L 48 7.89 21.26 -1.63
C THR L 48 6.96 22.24 -2.34
N PHE L 49 7.22 22.48 -3.62
CA PHE L 49 6.66 23.63 -4.33
C PHE L 49 5.15 23.53 -4.51
N THR L 50 4.62 22.32 -4.71
CA THR L 50 3.19 22.18 -5.00
C THR L 50 2.32 22.23 -3.76
N SER L 51 2.88 22.18 -2.56
CA SER L 51 2.09 22.11 -1.34
C SER L 51 1.68 23.47 -0.80
N TYR L 52 2.15 24.55 -1.39
CA TYR L 52 1.92 25.89 -0.87
C TYR L 52 1.47 26.80 -1.99
N THR L 53 0.45 27.62 -1.72
CA THR L 53 0.03 28.61 -2.70
C THR L 53 1.00 29.79 -2.70
N ILE L 54 1.17 30.39 -3.87
CA ILE L 54 1.98 31.59 -4.04
C ILE L 54 1.02 32.75 -4.25
N GLN L 55 1.03 33.68 -3.31
CA GLN L 55 0.12 34.82 -3.32
C GLN L 55 0.88 36.08 -3.71
N TRP L 56 0.21 36.97 -4.45
CA TRP L 56 0.83 38.16 -4.97
C TRP L 56 0.24 39.41 -4.34
N VAL L 57 1.11 40.28 -3.84
CA VAL L 57 0.73 41.48 -3.11
C VAL L 57 1.41 42.67 -3.76
N LYS L 58 0.65 43.70 -4.09
CA LYS L 58 1.18 44.94 -4.63
C LYS L 58 1.26 45.99 -3.54
N GLN L 59 2.18 46.94 -3.69
CA GLN L 59 2.40 47.97 -2.69
C GLN L 59 2.59 49.31 -3.39
N THR L 60 1.72 50.28 -3.07
CA THR L 60 1.85 51.64 -3.53
C THR L 60 2.01 52.57 -2.34
N PRO L 61 2.75 53.68 -2.50
CA PRO L 61 2.75 54.71 -1.47
C PRO L 61 1.39 55.34 -1.19
N ARG L 62 0.46 55.30 -2.15
CA ARG L 62 -0.78 56.05 -1.99
C ARG L 62 -1.81 55.28 -1.17
N GLN L 63 -2.05 54.00 -1.49
CA GLN L 63 -3.03 53.24 -0.74
C GLN L 63 -2.47 51.96 -0.12
N GLY L 64 -1.15 51.86 0.03
CA GLY L 64 -0.57 50.80 0.84
C GLY L 64 -0.58 49.43 0.17
N LEU L 65 -0.60 48.41 1.02
CA LEU L 65 -0.55 47.03 0.56
C LEU L 65 -1.90 46.61 0.00
N GLU L 66 -1.86 45.80 -1.06
CA GLU L 66 -3.08 45.32 -1.71
C GLU L 66 -2.86 43.89 -2.18
N TRP L 67 -3.86 43.04 -1.95
CA TRP L 67 -3.79 41.65 -2.34
C TRP L 67 -4.37 41.48 -3.74
N ILE L 68 -3.60 40.83 -4.61
CA ILE L 68 -4.00 40.69 -6.01
C ILE L 68 -4.65 39.34 -6.24
N GLY L 69 -3.94 38.27 -5.91
CA GLY L 69 -4.47 36.94 -6.14
C GLY L 69 -3.44 35.90 -5.77
N TYR L 70 -3.79 34.65 -6.06
CA TYR L 70 -2.86 33.57 -5.80
C TYR L 70 -3.01 32.45 -6.83
N ILE L 71 -1.97 31.63 -6.89
CA ILE L 71 -1.94 30.40 -7.68
C ILE L 71 -1.60 29.24 -6.76
N TYR L 72 -2.37 28.16 -6.89
CA TYR L 72 -2.06 26.93 -6.18
C TYR L 72 -1.40 25.98 -7.16
N PRO L 73 -0.09 25.74 -7.07
CA PRO L 73 0.59 24.92 -8.09
C PRO L 73 0.23 23.45 -8.07
N TYR L 74 -0.51 22.98 -7.07
CA TYR L 74 -0.97 21.59 -7.06
C TYR L 74 -1.99 21.31 -8.14
N ASN L 75 -2.88 22.26 -8.41
CA ASN L 75 -3.92 22.04 -9.40
C ASN L 75 -4.08 23.21 -10.35
N ALA L 76 -3.10 24.14 -10.36
CA ALA L 76 -3.12 25.38 -11.15
C ALA L 76 -4.35 26.22 -10.88
N GLY L 77 -4.84 26.18 -9.64
CA GLY L 77 -6.05 26.90 -9.27
C GLY L 77 -5.75 28.35 -8.91
N THR L 78 -6.62 29.24 -9.37
CA THR L 78 -6.47 30.67 -9.15
C THR L 78 -7.66 31.22 -8.41
N LYS L 79 -7.43 32.35 -7.74
CA LYS L 79 -8.50 33.23 -7.28
C LYS L 79 -7.94 34.63 -7.31
N TYR L 80 -8.67 35.57 -7.89
CA TYR L 80 -8.19 36.94 -8.04
C TYR L 80 -9.02 37.90 -7.20
N ASN L 81 -8.47 39.08 -6.99
CA ASN L 81 -9.22 40.18 -6.41
C ASN L 81 -10.27 40.69 -7.40
N GLU L 82 -11.26 41.41 -6.89
CA GLU L 82 -12.32 41.92 -7.74
C GLU L 82 -11.80 42.97 -8.73
N LYS L 83 -10.91 43.84 -8.27
CA LYS L 83 -10.43 44.94 -9.09
C LYS L 83 -9.19 44.60 -9.90
N PHE L 84 -8.69 43.36 -9.84
CA PHE L 84 -7.52 42.98 -10.60
C PHE L 84 -7.79 41.91 -11.66
N LYS L 85 -9.06 41.58 -11.90
CA LYS L 85 -9.39 40.65 -12.97
C LYS L 85 -9.22 41.34 -14.32
N GLY L 86 -8.48 40.69 -15.21
CA GLY L 86 -8.10 41.30 -16.48
C GLY L 86 -6.78 42.04 -16.40
N LYS L 87 -6.56 42.76 -15.31
CA LYS L 87 -5.27 43.41 -15.08
C LYS L 87 -4.19 42.40 -14.73
N ALA L 88 -4.58 41.30 -14.09
CA ALA L 88 -3.62 40.29 -13.63
C ALA L 88 -3.97 38.93 -14.21
N THR L 89 -2.93 38.13 -14.42
CA THR L 89 -3.07 36.77 -14.93
C THR L 89 -1.94 35.93 -14.35
N LEU L 90 -2.29 34.86 -13.66
CA LEU L 90 -1.33 34.06 -12.90
C LEU L 90 -1.09 32.73 -13.60
N THR L 91 0.18 32.32 -13.68
CA THR L 91 0.57 31.08 -14.32
C THR L 91 1.59 30.37 -13.45
N SER L 92 1.62 29.04 -13.53
CA SER L 92 2.56 28.23 -12.78
C SER L 92 3.34 27.35 -13.73
N ASP L 93 4.59 27.08 -13.38
CA ASP L 93 5.48 26.23 -14.17
C ASP L 93 6.03 25.27 -13.12
N LYS L 94 5.57 24.03 -13.17
CA LYS L 94 5.95 23.04 -12.15
C LYS L 94 7.37 22.55 -12.34
N SER L 95 7.90 22.63 -13.56
CA SER L 95 9.21 22.04 -13.86
C SER L 95 10.34 22.85 -13.24
N SER L 96 10.31 24.17 -13.37
CA SER L 96 11.37 25.02 -12.83
C SER L 96 11.00 25.62 -11.47
N SER L 97 9.84 25.23 -10.91
CA SER L 97 9.33 25.72 -9.63
C SER L 97 9.19 27.24 -9.62
N THR L 98 8.62 27.77 -10.70
CA THR L 98 8.57 29.20 -10.94
C THR L 98 7.13 29.62 -11.19
N VAL L 99 6.72 30.73 -10.57
CA VAL L 99 5.39 31.30 -10.75
C VAL L 99 5.55 32.61 -11.49
N TYR L 100 4.83 32.77 -12.60
CA TYR L 100 4.85 33.99 -13.39
C TYR L 100 3.52 34.72 -13.25
N MET L 101 3.58 36.04 -13.37
CA MET L 101 2.41 36.91 -13.28
C MET L 101 2.41 37.89 -14.43
N GLU L 102 1.27 37.97 -15.14
CA GLU L 102 1.12 38.86 -16.29
C GLU L 102 0.31 40.09 -15.90
N LEU L 103 0.87 41.26 -16.16
CA LEU L 103 0.16 42.52 -16.08
C LEU L 103 0.05 43.10 -17.48
N SER L 104 -1.16 43.37 -17.93
CA SER L 104 -1.42 43.79 -19.30
C SER L 104 -2.11 45.14 -19.32
N SER L 105 -1.81 45.92 -20.37
CA SER L 105 -2.35 47.27 -20.61
C SER L 105 -2.04 48.20 -19.42
N LEU L 106 -0.75 48.46 -19.24
CA LEU L 106 -0.25 49.14 -18.04
C LEU L 106 -0.69 50.60 -18.03
N THR L 107 -1.60 50.92 -17.12
CA THR L 107 -2.08 52.26 -16.86
C THR L 107 -1.03 52.98 -15.98
N SER L 108 -1.06 54.32 -16.00
CA SER L 108 -0.13 55.14 -15.21
C SER L 108 -0.23 54.85 -13.71
N GLU L 109 -1.38 54.41 -13.21
CA GLU L 109 -1.48 53.99 -11.82
C GLU L 109 -1.14 52.52 -11.57
N ASP L 110 -0.08 52.05 -12.22
CA ASP L 110 0.43 50.70 -12.01
C ASP L 110 1.89 50.72 -11.58
N SER L 111 2.46 51.88 -11.31
CA SER L 111 3.84 52.01 -10.86
C SER L 111 3.89 51.61 -9.39
N ALA L 112 4.35 50.40 -9.12
CA ALA L 112 4.31 49.84 -7.77
C ALA L 112 5.37 48.76 -7.65
N VAL L 113 5.61 48.34 -6.41
CA VAL L 113 6.46 47.19 -6.12
C VAL L 113 5.57 45.99 -5.83
N TYR L 114 5.81 44.89 -6.53
CA TYR L 114 4.95 43.71 -6.47
C TYR L 114 5.68 42.61 -5.70
N TYR L 115 5.05 42.15 -4.62
CA TYR L 115 5.59 41.10 -3.78
C TYR L 115 4.88 39.80 -4.07
N CYS L 116 5.62 38.70 -4.07
CA CYS L 116 5.04 37.36 -4.09
C CYS L 116 5.38 36.68 -2.77
N ALA L 117 4.38 36.05 -2.17
CA ALA L 117 4.52 35.48 -0.85
C ALA L 117 4.00 34.05 -0.85
N ARG L 118 4.55 33.25 0.05
CA ARG L 118 4.17 31.86 0.18
C ARG L 118 3.13 31.71 1.28
N LYS L 119 2.03 31.03 0.97
CA LYS L 119 1.01 30.75 1.97
C LYS L 119 0.55 29.31 1.80
N SER L 120 0.46 28.58 2.90
CA SER L 120 0.00 27.21 2.84
C SER L 120 -1.49 27.16 2.53
N SER L 121 -1.94 25.98 2.11
CA SER L 121 -3.35 25.78 1.80
C SER L 121 -4.22 25.70 3.04
N ARG L 122 -3.62 25.61 4.23
CA ARG L 122 -4.38 25.64 5.47
C ARG L 122 -4.95 27.03 5.70
N LEU L 123 -6.16 27.09 6.25
CA LEU L 123 -6.81 28.37 6.47
C LEU L 123 -6.14 29.16 7.59
N ARG L 124 -5.52 28.45 8.54
CA ARG L 124 -4.86 29.09 9.66
C ARG L 124 -3.55 29.77 9.24
N SER L 125 -2.88 29.23 8.23
CA SER L 125 -1.59 29.75 7.81
C SER L 125 -1.71 31.09 7.09
N THR L 126 -0.57 31.76 6.93
CA THR L 126 -0.54 33.10 6.36
C THR L 126 0.67 33.20 5.43
N LEU L 127 0.93 34.41 4.95
CA LEU L 127 2.11 34.70 4.15
C LEU L 127 3.33 34.70 5.07
N ASP L 128 4.03 33.56 5.14
CA ASP L 128 5.14 33.49 6.08
C ASP L 128 6.46 33.94 5.47
N TYR L 129 6.69 33.63 4.21
CA TYR L 129 7.92 34.01 3.52
C TYR L 129 7.58 34.81 2.28
N TRP L 130 8.34 35.88 2.05
CA TRP L 130 8.07 36.82 0.97
C TRP L 130 9.28 36.90 0.04
N GLY L 131 9.03 37.38 -1.18
CA GLY L 131 10.09 37.74 -2.07
C GLY L 131 10.58 39.15 -1.81
N GLN L 132 11.72 39.49 -2.42
CA GLN L 132 12.33 40.80 -2.15
C GLN L 132 11.58 41.94 -2.82
N GLY L 133 10.76 41.67 -3.81
CA GLY L 133 9.95 42.71 -4.40
C GLY L 133 10.48 43.12 -5.76
N THR L 134 9.54 43.27 -6.70
CA THR L 134 9.85 43.69 -8.08
C THR L 134 9.19 45.04 -8.31
N SER L 135 10.00 46.09 -8.41
CA SER L 135 9.50 47.44 -8.62
C SER L 135 9.28 47.67 -10.11
N VAL L 136 8.02 47.70 -10.52
CA VAL L 136 7.63 47.98 -11.90
C VAL L 136 7.10 49.39 -11.93
N THR L 137 7.65 50.23 -12.81
CA THR L 137 7.25 51.61 -12.93
C THR L 137 6.78 51.89 -14.34
N VAL L 138 5.72 52.67 -14.48
CA VAL L 138 5.12 52.98 -15.76
C VAL L 138 5.54 54.39 -16.15
N SER L 139 6.14 54.53 -17.34
CA SER L 139 6.60 55.82 -17.82
C SER L 139 5.43 56.69 -18.28
N ASP L 157 -17.08 43.43 1.16
CA ASP L 157 -15.65 43.57 1.45
C ASP L 157 -15.43 43.98 2.90
N ILE L 158 -14.22 43.75 3.40
CA ILE L 158 -13.85 44.09 4.76
C ILE L 158 -12.77 45.15 4.71
N LYS L 159 -12.97 46.24 5.45
CA LYS L 159 -11.95 47.27 5.63
C LYS L 159 -11.38 47.17 7.03
N MET L 160 -10.06 47.12 7.13
CA MET L 160 -9.39 47.02 8.41
C MET L 160 -8.74 48.35 8.75
N THR L 161 -9.15 48.91 9.89
CA THR L 161 -8.72 50.23 10.32
C THR L 161 -7.72 50.07 11.46
N GLN L 162 -6.52 50.61 11.26
CA GLN L 162 -5.54 50.67 12.33
C GLN L 162 -5.71 52.00 13.07
N SER L 163 -6.02 51.91 14.36
CA SER L 163 -6.29 53.11 15.17
C SER L 163 -5.10 54.05 15.31
N PRO L 164 -3.82 53.59 15.53
CA PRO L 164 -2.73 54.58 15.42
C PRO L 164 -2.18 54.67 14.00
N SER L 165 -1.91 55.90 13.55
CA SER L 165 -1.26 56.07 12.26
C SER L 165 0.25 56.13 12.42
N SER L 166 0.72 56.79 13.46
CA SER L 166 2.14 56.90 13.74
C SER L 166 2.34 57.13 15.24
N MET L 167 3.22 56.33 15.84
CA MET L 167 3.49 56.44 17.27
C MET L 167 4.98 56.60 17.50
N HIS L 168 5.33 57.20 18.63
CA HIS L 168 6.70 57.44 19.03
C HIS L 168 6.92 56.80 20.40
N ALA L 169 8.10 56.23 20.60
CA ALA L 169 8.39 55.55 21.85
C ALA L 169 9.89 55.61 22.13
N SER L 170 10.24 55.42 23.38
CA SER L 170 11.63 55.30 23.82
C SER L 170 12.06 53.84 23.75
N LEU L 171 13.17 53.51 24.41
CA LEU L 171 13.75 52.17 24.33
C LEU L 171 13.17 51.19 25.33
N GLY L 172 12.18 51.56 26.14
CA GLY L 172 11.75 50.63 27.16
C GLY L 172 10.30 50.55 27.57
N GLU L 173 9.35 51.07 26.80
CA GLU L 173 7.97 51.04 27.22
C GLU L 173 7.19 49.96 26.48
N ARG L 174 5.88 49.96 26.69
CA ARG L 174 4.95 49.03 26.08
C ARG L 174 4.09 49.79 25.07
N VAL L 175 3.98 49.26 23.86
CA VAL L 175 3.25 49.93 22.78
C VAL L 175 2.26 48.93 22.18
N THR L 176 1.02 49.39 22.00
CA THR L 176 -0.03 48.54 21.45
C THR L 176 -0.53 49.12 20.13
N ILE L 177 -1.02 48.25 19.25
CA ILE L 177 -1.52 48.61 17.93
C ILE L 177 -2.86 47.92 17.73
N THR L 178 -3.90 48.68 17.43
CA THR L 178 -5.26 48.16 17.30
C THR L 178 -5.60 47.98 15.83
N CYS L 179 -6.29 46.88 15.51
CA CYS L 179 -6.71 46.52 14.15
C CYS L 179 -8.20 46.19 14.12
N LYS L 180 -9.01 47.15 14.55
CA LYS L 180 -10.48 47.13 14.42
C LYS L 180 -10.94 46.68 13.04
N ALA L 181 -11.74 45.62 13.01
CA ALA L 181 -12.21 45.01 11.78
C ALA L 181 -13.63 45.45 11.46
N SER L 182 -14.02 45.25 10.20
CA SER L 182 -15.35 45.66 9.74
C SER L 182 -16.38 44.56 9.96
N GLN L 183 -16.13 43.37 9.44
CA GLN L 183 -17.00 42.22 9.63
C GLN L 183 -16.33 41.22 10.58
N ASP L 184 -17.05 40.15 10.87
CA ASP L 184 -16.54 39.14 11.79
C ASP L 184 -15.57 38.26 11.00
N ILE L 185 -14.36 38.12 11.52
CA ILE L 185 -13.39 37.15 11.04
C ILE L 185 -13.04 36.23 12.21
N ARG L 186 -13.03 34.92 11.96
CA ARG L 186 -12.85 33.94 13.01
C ARG L 186 -11.36 33.74 13.26
N SER L 187 -10.75 34.77 13.87
CA SER L 187 -9.34 34.83 14.27
C SER L 187 -8.38 34.65 13.10
N TYR L 188 -8.80 34.98 11.88
CA TYR L 188 -7.96 34.82 10.70
C TYR L 188 -7.29 36.15 10.38
N LEU L 189 -6.38 36.54 11.27
CA LEU L 189 -5.70 37.82 11.18
C LEU L 189 -4.21 37.61 11.41
N SER L 190 -3.40 38.34 10.65
CA SER L 190 -1.95 38.22 10.72
C SER L 190 -1.34 39.60 10.95
N TRP L 191 -0.11 39.61 11.47
CA TRP L 191 0.63 40.83 11.70
C TRP L 191 1.97 40.76 10.99
N TYR L 192 2.33 41.86 10.32
CA TYR L 192 3.55 41.91 9.53
C TYR L 192 4.37 43.13 9.94
N GLN L 193 5.69 43.00 9.84
CA GLN L 193 6.62 44.09 10.06
C GLN L 193 7.40 44.33 8.79
N GLN L 194 7.38 45.56 8.30
CA GLN L 194 8.08 45.92 7.07
C GLN L 194 9.07 47.03 7.37
N LYS L 195 10.35 46.75 7.19
CA LYS L 195 11.37 47.77 7.24
C LYS L 195 11.27 48.63 5.98
N PRO L 196 11.79 49.87 6.03
CA PRO L 196 11.85 50.70 4.82
C PRO L 196 12.65 50.05 3.71
N TRP L 197 12.01 49.91 2.55
CA TRP L 197 12.58 49.34 1.32
C TRP L 197 13.05 47.90 1.53
N LYS L 198 12.29 47.14 2.33
CA LYS L 198 12.55 45.73 2.55
C LYS L 198 11.24 44.96 2.47
N SER L 199 11.35 43.65 2.34
CA SER L 199 10.18 42.80 2.30
C SER L 199 9.52 42.71 3.67
N PRO L 200 8.20 42.55 3.73
CA PRO L 200 7.53 42.38 5.02
C PRO L 200 7.90 41.06 5.69
N LYS L 201 7.89 41.08 7.03
CA LYS L 201 8.24 39.93 7.84
C LYS L 201 7.07 39.57 8.73
N THR L 202 6.67 38.30 8.71
CA THR L 202 5.53 37.84 9.48
C THR L 202 5.88 37.80 10.97
N LEU L 203 5.00 38.34 11.81
CA LEU L 203 5.16 38.29 13.25
C LEU L 203 4.15 37.38 13.94
N ILE L 204 2.87 37.61 13.72
CA ILE L 204 1.79 36.88 14.37
C ILE L 204 0.90 36.30 13.28
N TYR L 205 0.54 35.02 13.42
CA TYR L 205 -0.55 34.45 12.62
C TYR L 205 -1.61 33.90 13.56
N TYR L 206 -2.83 33.77 13.01
CA TYR L 206 -4.03 33.30 13.72
C TYR L 206 -4.37 34.18 14.93
N ALA L 207 -3.95 35.45 14.88
CA ALA L 207 -4.21 36.55 15.80
C ALA L 207 -3.52 36.41 17.16
N THR L 208 -2.93 35.24 17.45
CA THR L 208 -2.19 35.04 18.69
C THR L 208 -0.88 34.27 18.52
N SER L 209 -0.72 33.45 17.48
CA SER L 209 0.40 32.53 17.43
C SER L 209 1.63 33.23 16.88
N LEU L 210 2.78 32.96 17.51
CA LEU L 210 4.04 33.55 17.08
C LEU L 210 4.52 32.89 15.80
N ALA L 211 5.12 33.69 14.92
CA ALA L 211 5.70 33.14 13.70
C ALA L 211 7.06 32.50 14.01
N ASP L 212 7.66 31.88 12.99
CA ASP L 212 8.91 31.17 13.17
C ASP L 212 10.06 32.15 13.25
N GLY L 213 10.79 32.11 14.36
CA GLY L 213 11.91 33.01 14.58
C GLY L 213 11.57 34.31 15.26
N VAL L 214 10.29 34.65 15.35
CA VAL L 214 9.88 35.87 16.04
C VAL L 214 9.95 35.63 17.55
N PRO L 215 10.61 36.49 18.31
CA PRO L 215 10.76 36.24 19.75
C PRO L 215 9.44 36.44 20.50
N SER L 216 9.47 36.05 21.77
CA SER L 216 8.32 36.16 22.67
C SER L 216 8.03 37.58 23.11
N ARG L 217 8.90 38.53 22.73
CA ARG L 217 8.66 39.94 22.99
C ARG L 217 7.39 40.44 22.31
N PHE L 218 7.18 40.03 21.06
CA PHE L 218 5.95 40.36 20.35
C PHE L 218 4.80 39.51 20.88
N SER L 219 3.60 40.09 20.92
CA SER L 219 2.44 39.37 21.42
C SER L 219 1.18 39.95 20.78
N GLY L 220 0.37 39.07 20.20
CA GLY L 220 -0.89 39.47 19.62
C GLY L 220 -2.07 38.92 20.41
N SER L 221 -3.20 39.61 20.32
CA SER L 221 -4.37 39.22 21.08
C SER L 221 -5.63 39.69 20.35
N GLY L 222 -6.76 39.12 20.75
CA GLY L 222 -8.05 39.53 20.24
C GLY L 222 -8.63 38.52 19.28
N SER L 223 -9.96 38.57 19.16
CA SER L 223 -10.68 37.68 18.25
C SER L 223 -12.00 38.34 17.89
N GLY L 224 -12.60 37.86 16.80
CA GLY L 224 -13.86 38.40 16.34
C GLY L 224 -13.69 39.60 15.44
N GLN L 225 -13.85 40.80 16.00
CA GLN L 225 -13.62 42.04 15.28
C GLN L 225 -12.54 42.91 15.89
N ASP L 226 -12.15 42.66 17.13
CA ASP L 226 -11.16 43.47 17.85
C ASP L 226 -9.85 42.70 17.92
N PHE L 227 -8.76 43.35 17.49
CA PHE L 227 -7.45 42.71 17.48
C PHE L 227 -6.41 43.70 17.98
N SER L 228 -5.32 43.17 18.51
CA SER L 228 -4.29 44.00 19.12
C SER L 228 -2.92 43.34 18.93
N LEU L 229 -1.92 44.17 18.65
CA LEU L 229 -0.52 43.76 18.61
C LEU L 229 0.25 44.56 19.65
N THR L 230 0.98 43.85 20.51
CA THR L 230 1.72 44.49 21.60
C THR L 230 3.20 44.13 21.49
N ILE L 231 4.05 45.13 21.68
CA ILE L 231 5.50 44.96 21.74
C ILE L 231 5.90 45.21 23.19
N ASN L 232 6.65 44.26 23.77
CA ASN L 232 6.97 44.30 25.19
C ASN L 232 7.90 45.45 25.54
N ASN L 233 9.09 45.48 24.94
CA ASN L 233 10.00 46.60 25.06
C ASN L 233 10.61 46.90 23.70
N LEU L 234 10.96 48.15 23.46
CA LEU L 234 11.45 48.53 22.14
C LEU L 234 12.96 48.38 22.05
N GLU L 235 13.42 48.12 20.82
CA GLU L 235 14.83 48.21 20.47
C GLU L 235 14.96 49.13 19.28
N SER L 236 16.20 49.33 18.82
CA SER L 236 16.42 50.08 17.60
C SER L 236 16.00 49.30 16.36
N ASP L 237 15.89 47.97 16.46
CA ASP L 237 15.48 47.15 15.33
C ASP L 237 13.98 47.32 15.06
N ASP L 238 13.20 47.64 16.09
CA ASP L 238 11.74 47.72 15.98
C ASP L 238 11.24 48.95 15.22
N THR L 239 12.09 49.82 14.69
CA THR L 239 11.64 50.97 13.90
C THR L 239 11.22 50.48 12.52
N ALA L 240 9.91 50.32 12.32
CA ALA L 240 9.38 49.78 11.07
C ALA L 240 7.92 50.19 10.95
N THR L 241 7.27 49.72 9.89
CA THR L 241 5.85 49.92 9.66
C THR L 241 5.13 48.59 9.83
N TYR L 242 4.04 48.59 10.60
CA TYR L 242 3.34 47.37 10.97
C TYR L 242 1.97 47.34 10.31
N TYR L 243 1.66 46.23 9.67
CA TYR L 243 0.39 46.03 8.99
C TYR L 243 -0.35 44.84 9.59
N CYS L 244 -1.67 44.87 9.49
CA CYS L 244 -2.50 43.74 9.86
C CYS L 244 -3.30 43.30 8.64
N LEU L 245 -3.31 42.00 8.38
CA LEU L 245 -3.95 41.41 7.21
C LEU L 245 -4.98 40.39 7.66
N GLN L 246 -6.19 40.48 7.12
CA GLN L 246 -7.18 39.44 7.31
C GLN L 246 -7.18 38.51 6.12
N HIS L 247 -7.49 37.23 6.35
CA HIS L 247 -7.74 36.31 5.25
C HIS L 247 -8.96 35.46 5.57
N GLY L 248 -9.97 36.05 6.21
CA GLY L 248 -11.19 35.34 6.46
C GLY L 248 -12.08 35.16 5.24
N GLU L 249 -12.41 36.24 4.55
CA GLU L 249 -13.23 36.19 3.35
C GLU L 249 -12.33 36.17 2.11
N SER L 250 -13.00 36.08 0.94
CA SER L 250 -12.29 35.83 -0.31
C SER L 250 -11.33 36.95 -0.75
N PRO L 251 -11.68 38.27 -0.75
CA PRO L 251 -10.63 39.26 -1.03
C PRO L 251 -9.87 39.61 0.23
N TYR L 252 -8.58 39.30 0.24
CA TYR L 252 -7.76 39.56 1.41
C TYR L 252 -7.45 41.05 1.47
N THR L 253 -7.64 41.66 2.64
CA THR L 253 -7.44 43.08 2.79
C THR L 253 -6.48 43.36 3.93
N PHE L 254 -5.56 44.29 3.69
CA PHE L 254 -4.57 44.68 4.68
C PHE L 254 -5.09 45.84 5.52
N GLY L 255 -4.25 46.31 6.44
CA GLY L 255 -4.54 47.51 7.18
C GLY L 255 -3.95 48.74 6.52
N SER L 256 -4.21 49.89 7.14
CA SER L 256 -3.68 51.14 6.62
C SER L 256 -2.17 51.25 6.83
N GLY L 257 -1.69 50.82 7.98
CA GLY L 257 -0.29 50.91 8.34
C GLY L 257 -0.07 51.75 9.58
N THR L 258 0.99 51.41 10.31
CA THR L 258 1.34 52.13 11.54
C THR L 258 2.86 52.24 11.59
N LYS L 259 3.36 53.48 11.49
CA LYS L 259 4.80 53.72 11.59
C LYS L 259 5.20 53.82 13.05
N LEU L 260 6.19 53.03 13.46
CA LEU L 260 6.74 53.10 14.80
C LEU L 260 8.09 53.79 14.75
N GLU L 261 8.24 54.87 15.51
CA GLU L 261 9.50 55.58 15.64
C GLU L 261 10.06 55.38 17.03
N ILE L 262 11.36 55.11 17.10
CA ILE L 262 12.05 54.82 18.36
C ILE L 262 12.94 56.01 18.69
N LYS L 263 12.85 56.48 19.94
CA LYS L 263 13.56 57.63 20.54
C LYS L 263 13.68 58.87 19.65
#